data_7LNV
#
_entry.id   7LNV
#
_cell.length_a   194.392
_cell.length_b   45.630
_cell.length_c   113.874
_cell.angle_alpha   90.000
_cell.angle_beta   121.200
_cell.angle_gamma   90.000
#
_symmetry.space_group_name_H-M   'C 1 2 1'
#
loop_
_entity.id
_entity.type
_entity.pdbx_description
1 polymer 'Isopentenyl phosphate kinase'
2 non-polymer GLYCEROL
3 non-polymer 'MALONATE ION'
4 water water
#
_entity_poly.entity_id   1
_entity_poly.type   'polypeptide(L)'
_entity_poly.pdbx_seq_one_letter_code
;MGSSHHHHHHSSGLVPRGSHMILIKLGGSVITDKSEYHKFNKETVSRLADEIRRSGQDVMVVHGAGSFGHVIAKKYAIQD
GHVDDGQIPAAARIMCDTRELSSMVVEELLAQGIPAVSVAPGSCFVMEDGKLIVDNEEPIRRLADLGIMPVMFGDVVPDR
KKGFAIVSGDQCMEVLCRMFDPEKVVFVSDIDGLYTADPKTDKKARLIGEVTRKKLDEALTDITVADVTGGVHSKMEAML
RMTDRNRRCYLVNGNAPNRLYSLLKGETVTCTVAKGGME
;
_entity_poly.pdbx_strand_id   A,B,C
#
# COMPACT_ATOMS: atom_id res chain seq x y z
N HIS A 20 1.77 5.40 -32.81
CA HIS A 20 2.28 5.00 -34.12
C HIS A 20 2.32 3.48 -34.25
N MET A 21 3.30 2.98 -35.00
CA MET A 21 3.37 1.55 -35.32
C MET A 21 3.98 0.76 -34.18
N ILE A 22 3.35 -0.38 -33.89
CA ILE A 22 3.85 -1.36 -32.93
C ILE A 22 4.36 -2.57 -33.71
N LEU A 23 5.65 -2.84 -33.62
CA LEU A 23 6.27 -3.97 -34.31
C LEU A 23 6.18 -5.18 -33.38
N ILE A 24 5.40 -6.19 -33.79
CA ILE A 24 5.09 -7.34 -32.96
C ILE A 24 5.69 -8.60 -33.57
N LYS A 25 6.35 -9.41 -32.74
CA LYS A 25 6.85 -10.72 -33.16
C LYS A 25 6.07 -11.81 -32.44
N LEU A 26 5.38 -12.65 -33.20
CA LEU A 26 4.72 -13.83 -32.66
C LEU A 26 5.73 -14.98 -32.67
N GLY A 27 6.24 -15.34 -31.49
CA GLY A 27 7.31 -16.31 -31.43
C GLY A 27 6.87 -17.69 -31.88
N GLY A 28 7.83 -18.46 -32.38
CA GLY A 28 7.53 -19.79 -32.89
C GLY A 28 6.98 -20.74 -31.86
N SER A 29 7.32 -20.53 -30.59
CA SER A 29 6.84 -21.42 -29.53
C SER A 29 5.37 -21.18 -29.21
N VAL A 30 4.83 -20.01 -29.54
CA VAL A 30 3.41 -19.72 -29.33
C VAL A 30 2.58 -20.23 -30.49
N ILE A 31 2.97 -19.91 -31.73
CA ILE A 31 2.15 -20.23 -32.89
C ILE A 31 2.33 -21.66 -33.36
N THR A 32 3.34 -22.38 -32.86
CA THR A 32 3.52 -23.78 -33.16
C THR A 32 3.82 -24.57 -31.89
N ASP A 33 3.47 -25.85 -31.90
CA ASP A 33 3.92 -26.77 -30.86
C ASP A 33 5.38 -27.08 -31.11
N LYS A 34 6.27 -26.56 -30.25
CA LYS A 34 7.70 -26.66 -30.49
C LYS A 34 8.17 -28.10 -30.48
N SER A 35 7.48 -28.99 -29.77
CA SER A 35 7.88 -30.38 -29.67
C SER A 35 7.30 -31.26 -30.77
N GLU A 36 6.41 -30.73 -31.60
CA GLU A 36 5.81 -31.51 -32.68
C GLU A 36 5.98 -30.76 -33.99
N TYR A 37 6.67 -31.39 -34.94
CA TYR A 37 6.97 -30.76 -36.21
C TYR A 37 5.68 -30.50 -37.00
N HIS A 38 5.64 -29.34 -37.67
CA HIS A 38 4.54 -28.97 -38.56
C HIS A 38 3.19 -28.90 -37.85
N LYS A 39 3.19 -28.52 -36.57
CA LYS A 39 1.97 -28.44 -35.76
C LYS A 39 1.65 -26.98 -35.47
N PHE A 40 0.54 -26.49 -36.04
CA PHE A 40 0.11 -25.11 -35.92
C PHE A 40 -0.89 -24.96 -34.79
N ASN A 41 -0.67 -23.97 -33.92
CA ASN A 41 -1.58 -23.67 -32.80
C ASN A 41 -2.63 -22.67 -33.28
N LYS A 42 -3.63 -23.19 -33.99
CA LYS A 42 -4.61 -22.31 -34.65
C LYS A 42 -5.39 -21.47 -33.65
N GLU A 43 -5.87 -22.08 -32.57
CA GLU A 43 -6.68 -21.34 -31.59
C GLU A 43 -5.89 -20.20 -30.97
N THR A 44 -4.61 -20.43 -30.67
CA THR A 44 -3.79 -19.37 -30.08
C THR A 44 -3.57 -18.22 -31.04
N VAL A 45 -3.27 -18.52 -32.30
CA VAL A 45 -3.04 -17.46 -33.27
C VAL A 45 -4.33 -16.70 -33.58
N SER A 46 -5.48 -17.40 -33.56
CA SER A 46 -6.76 -16.72 -33.71
C SER A 46 -6.98 -15.72 -32.59
N ARG A 47 -6.71 -16.14 -31.35
CA ARG A 47 -6.88 -15.25 -30.20
C ARG A 47 -5.92 -14.06 -30.29
N LEU A 48 -4.65 -14.33 -30.61
CA LEU A 48 -3.68 -13.24 -30.71
C LEU A 48 -4.03 -12.28 -31.84
N ALA A 49 -4.58 -12.80 -32.94
CA ALA A 49 -5.05 -11.93 -34.00
C ALA A 49 -6.26 -11.12 -33.54
N ASP A 50 -7.20 -11.78 -32.86
CA ASP A 50 -8.34 -11.08 -32.29
C ASP A 50 -7.90 -10.00 -31.30
N GLU A 51 -6.86 -10.29 -30.52
CA GLU A 51 -6.33 -9.31 -29.58
C GLU A 51 -5.67 -8.14 -30.31
N ILE A 52 -5.00 -8.43 -31.42
CA ILE A 52 -4.37 -7.35 -32.19
C ILE A 52 -5.43 -6.46 -32.83
N ARG A 53 -6.53 -7.06 -33.29
CA ARG A 53 -7.60 -6.27 -33.87
C ARG A 53 -8.29 -5.42 -32.83
N ARG A 54 -8.71 -6.04 -31.72
CA ARG A 54 -9.42 -5.30 -30.67
C ARG A 54 -8.59 -4.16 -30.11
N SER A 55 -7.25 -4.27 -30.16
CA SER A 55 -6.39 -3.21 -29.66
C SER A 55 -6.49 -1.94 -30.49
N GLY A 56 -6.95 -2.05 -31.74
CA GLY A 56 -7.13 -0.89 -32.60
C GLY A 56 -5.84 -0.23 -33.02
N GLN A 57 -4.72 -0.88 -32.75
CA GLN A 57 -3.41 -0.31 -33.02
C GLN A 57 -2.97 -0.58 -34.46
N ASP A 58 -2.05 0.23 -34.93
CA ASP A 58 -1.41 0.05 -36.23
C ASP A 58 -0.15 -0.78 -36.00
N VAL A 59 -0.12 -2.01 -36.51
CA VAL A 59 0.95 -2.93 -36.18
C VAL A 59 1.54 -3.52 -37.45
N MET A 60 2.77 -4.03 -37.29
CA MET A 60 3.44 -4.84 -38.30
C MET A 60 3.95 -6.10 -37.62
N VAL A 61 3.59 -7.26 -38.14
CA VAL A 61 3.76 -8.53 -37.44
C VAL A 61 4.87 -9.33 -38.11
N VAL A 62 5.76 -9.89 -37.27
CA VAL A 62 6.75 -10.89 -37.66
C VAL A 62 6.43 -12.16 -36.90
N HIS A 63 6.73 -13.32 -37.49
CA HIS A 63 6.59 -14.56 -36.73
C HIS A 63 7.79 -15.45 -36.94
N GLY A 64 7.99 -16.34 -35.97
CA GLY A 64 9.02 -17.34 -36.08
C GLY A 64 8.56 -18.51 -36.90
N ALA A 65 9.51 -19.41 -37.17
CA ALA A 65 9.16 -20.63 -37.89
C ALA A 65 8.73 -21.73 -36.94
N GLY A 66 9.15 -21.67 -35.69
CA GLY A 66 8.79 -22.68 -34.71
C GLY A 66 9.16 -24.08 -35.17
N SER A 67 8.24 -25.02 -34.98
CA SER A 67 8.48 -26.39 -35.41
C SER A 67 8.38 -26.55 -36.92
N PHE A 68 7.85 -25.56 -37.64
CA PHE A 68 7.85 -25.60 -39.09
C PHE A 68 9.22 -25.32 -39.69
N GLY A 69 10.25 -25.11 -38.87
CA GLY A 69 11.56 -24.79 -39.40
C GLY A 69 12.73 -25.42 -38.66
N HIS A 70 12.70 -25.38 -37.33
N HIS A 70 12.70 -25.40 -37.33
CA HIS A 70 13.86 -25.81 -36.55
CA HIS A 70 13.88 -25.80 -36.57
C HIS A 70 14.09 -27.31 -36.64
C HIS A 70 14.09 -27.32 -36.58
N VAL A 71 13.02 -28.10 -36.76
CA VAL A 71 13.17 -29.56 -36.68
C VAL A 71 14.01 -30.07 -37.85
N ILE A 72 13.64 -29.71 -39.07
CA ILE A 72 14.35 -30.22 -40.24
C ILE A 72 15.69 -29.51 -40.43
N ALA A 73 15.77 -28.23 -40.05
CA ALA A 73 17.02 -27.50 -40.21
C ALA A 73 18.12 -28.09 -39.31
N LYS A 74 17.75 -28.51 -38.10
CA LYS A 74 18.71 -29.08 -37.17
C LYS A 74 19.18 -30.46 -37.64
N LYS A 75 18.26 -31.28 -38.15
CA LYS A 75 18.61 -32.63 -38.58
C LYS A 75 19.52 -32.63 -39.81
N TYR A 76 19.48 -31.59 -40.62
CA TYR A 76 20.33 -31.46 -41.80
C TYR A 76 21.37 -30.36 -41.63
N ALA A 77 21.48 -29.78 -40.44
CA ALA A 77 22.48 -28.77 -40.11
C ALA A 77 22.45 -27.60 -41.09
N ILE A 78 21.23 -27.16 -41.45
CA ILE A 78 21.09 -26.12 -42.46
C ILE A 78 21.70 -24.81 -41.97
N GLN A 79 21.67 -24.55 -40.67
CA GLN A 79 22.21 -23.30 -40.14
C GLN A 79 23.71 -23.18 -40.36
N ASP A 80 24.42 -24.28 -40.59
CA ASP A 80 25.86 -24.28 -40.77
C ASP A 80 26.30 -24.16 -42.22
N GLY A 81 25.37 -23.97 -43.15
CA GLY A 81 25.71 -23.69 -44.53
C GLY A 81 25.63 -24.91 -45.43
N HIS A 82 25.82 -24.64 -46.71
CA HIS A 82 25.75 -25.66 -47.75
C HIS A 82 27.05 -26.45 -47.78
N VAL A 83 27.02 -27.69 -47.29
CA VAL A 83 28.18 -28.56 -47.33
C VAL A 83 27.95 -29.83 -48.16
N ASP A 84 26.71 -30.27 -48.34
CA ASP A 84 26.41 -31.49 -49.08
C ASP A 84 25.20 -31.26 -49.97
N ASP A 85 25.18 -31.97 -51.10
CA ASP A 85 24.07 -31.80 -52.04
C ASP A 85 22.76 -32.31 -51.46
N GLY A 86 22.82 -33.26 -50.52
CA GLY A 86 21.62 -33.77 -49.88
C GLY A 86 20.88 -32.74 -49.04
N GLN A 87 21.53 -31.61 -48.73
CA GLN A 87 20.86 -30.55 -47.99
C GLN A 87 19.91 -29.74 -48.84
N ILE A 88 20.09 -29.74 -50.16
CA ILE A 88 19.25 -28.90 -51.03
C ILE A 88 17.79 -29.33 -50.99
N PRO A 89 17.43 -30.61 -51.14
CA PRO A 89 16.03 -31.00 -50.95
C PRO A 89 15.51 -30.70 -49.54
N ALA A 90 16.36 -30.80 -48.53
CA ALA A 90 15.91 -30.50 -47.17
C ALA A 90 15.68 -29.01 -46.99
N ALA A 91 16.51 -28.18 -47.62
CA ALA A 91 16.32 -26.74 -47.50
C ALA A 91 15.05 -26.31 -48.20
N ALA A 92 14.75 -26.91 -49.36
CA ALA A 92 13.51 -26.62 -50.05
C ALA A 92 12.30 -27.01 -49.21
N ARG A 93 12.40 -28.14 -48.49
CA ARG A 93 11.28 -28.56 -47.66
C ARG A 93 11.01 -27.56 -46.55
N ILE A 94 12.06 -27.10 -45.86
CA ILE A 94 11.87 -26.09 -44.82
C ILE A 94 11.20 -24.84 -45.40
N MET A 95 11.69 -24.38 -46.55
CA MET A 95 11.15 -23.17 -47.17
C MET A 95 9.67 -23.33 -47.49
N CYS A 96 9.27 -24.51 -47.99
CA CYS A 96 7.86 -24.79 -48.19
C CYS A 96 7.11 -24.80 -46.87
N ASP A 97 7.73 -25.36 -45.82
CA ASP A 97 7.08 -25.42 -44.52
C ASP A 97 6.85 -24.03 -43.95
N THR A 98 7.86 -23.15 -44.02
CA THR A 98 7.73 -21.84 -43.39
C THR A 98 6.72 -20.98 -44.15
N ARG A 99 6.70 -21.08 -45.47
CA ARG A 99 5.68 -20.38 -46.24
C ARG A 99 4.30 -20.93 -45.92
N GLU A 100 4.19 -22.25 -45.72
CA GLU A 100 2.89 -22.82 -45.38
C GLU A 100 2.44 -22.36 -44.00
N LEU A 101 3.37 -22.26 -43.05
CA LEU A 101 3.02 -21.70 -41.74
C LEU A 101 2.61 -20.25 -41.86
N SER A 102 3.35 -19.46 -42.66
CA SER A 102 3.01 -18.06 -42.83
C SER A 102 1.63 -17.89 -43.43
N SER A 103 1.23 -18.80 -44.33
CA SER A 103 -0.11 -18.74 -44.91
C SER A 103 -1.17 -18.95 -43.83
N MET A 104 -0.93 -19.89 -42.92
CA MET A 104 -1.86 -20.09 -41.81
C MET A 104 -1.92 -18.86 -40.89
N VAL A 105 -0.77 -18.23 -40.65
CA VAL A 105 -0.76 -17.01 -39.83
C VAL A 105 -1.55 -15.91 -40.53
N VAL A 106 -1.36 -15.75 -41.84
CA VAL A 106 -2.01 -14.67 -42.57
C VAL A 106 -3.51 -14.90 -42.66
N GLU A 107 -3.93 -16.15 -42.82
CA GLU A 107 -5.36 -16.45 -42.85
C GLU A 107 -6.05 -15.95 -41.58
N GLU A 108 -5.42 -16.16 -40.42
CA GLU A 108 -6.01 -15.68 -39.17
C GLU A 108 -6.04 -14.16 -39.10
N LEU A 109 -5.01 -13.50 -39.64
CA LEU A 109 -5.03 -12.04 -39.69
C LEU A 109 -6.13 -11.54 -40.62
N LEU A 110 -6.29 -12.15 -41.80
CA LEU A 110 -7.32 -11.72 -42.73
C LEU A 110 -8.72 -11.95 -42.14
N ALA A 111 -8.90 -13.04 -41.40
CA ALA A 111 -10.18 -13.31 -40.75
C ALA A 111 -10.54 -12.27 -39.70
N GLN A 112 -9.55 -11.57 -39.16
CA GLN A 112 -9.77 -10.50 -38.20
C GLN A 112 -9.83 -9.13 -38.84
N GLY A 113 -9.93 -9.06 -40.17
CA GLY A 113 -9.98 -7.77 -40.84
C GLY A 113 -8.66 -7.05 -40.89
N ILE A 114 -7.55 -7.77 -40.84
CA ILE A 114 -6.21 -7.20 -40.90
C ILE A 114 -5.54 -7.67 -42.18
N PRO A 115 -5.59 -6.86 -43.24
CA PRO A 115 -4.95 -7.27 -44.50
C PRO A 115 -3.45 -7.43 -44.33
N ALA A 116 -2.92 -8.54 -44.84
CA ALA A 116 -1.51 -8.87 -44.69
C ALA A 116 -1.10 -9.82 -45.79
N VAL A 117 0.20 -9.91 -46.04
CA VAL A 117 0.76 -10.80 -47.06
C VAL A 117 2.10 -11.34 -46.56
N SER A 118 2.34 -12.64 -46.81
CA SER A 118 3.61 -13.25 -46.44
C SER A 118 4.72 -12.75 -47.35
N VAL A 119 5.81 -12.30 -46.73
CA VAL A 119 7.01 -11.86 -47.44
C VAL A 119 8.14 -12.78 -46.99
N ALA A 120 8.41 -13.80 -47.79
CA ALA A 120 9.38 -14.82 -47.41
C ALA A 120 10.79 -14.28 -47.59
N PRO A 121 11.57 -14.13 -46.53
CA PRO A 121 12.93 -13.58 -46.68
C PRO A 121 13.81 -14.41 -47.60
N GLY A 122 13.64 -15.73 -47.62
CA GLY A 122 14.44 -16.56 -48.51
C GLY A 122 14.12 -16.38 -49.98
N SER A 123 12.97 -15.77 -50.29
CA SER A 123 12.61 -15.47 -51.66
C SER A 123 12.97 -14.06 -52.08
N CYS A 124 13.22 -13.15 -51.12
CA CYS A 124 13.42 -11.74 -51.42
C CYS A 124 14.81 -11.22 -51.10
N PHE A 125 15.50 -11.81 -50.12
CA PHE A 125 16.71 -11.21 -49.57
C PHE A 125 17.84 -12.23 -49.56
N VAL A 126 19.01 -11.79 -49.08
CA VAL A 126 20.19 -12.64 -48.91
C VAL A 126 20.74 -12.42 -47.51
N MET A 127 21.73 -13.23 -47.15
CA MET A 127 22.41 -13.09 -45.88
C MET A 127 23.91 -13.10 -46.09
N GLU A 128 24.62 -12.55 -45.10
CA GLU A 128 26.08 -12.52 -45.11
C GLU A 128 26.57 -12.27 -43.69
N ASP A 129 27.48 -13.11 -43.21
CA ASP A 129 28.04 -13.01 -41.86
C ASP A 129 26.92 -12.95 -40.81
N GLY A 130 25.95 -13.85 -40.95
CA GLY A 130 24.83 -13.88 -40.03
C GLY A 130 23.93 -12.67 -40.07
N LYS A 131 23.98 -11.87 -41.15
CA LYS A 131 23.23 -10.62 -41.23
C LYS A 131 22.29 -10.68 -42.42
N LEU A 132 21.03 -10.32 -42.19
CA LEU A 132 20.02 -10.29 -43.24
C LEU A 132 20.11 -9.00 -44.04
N ILE A 133 20.42 -9.11 -45.33
CA ILE A 133 20.66 -7.95 -46.19
C ILE A 133 19.39 -7.63 -46.97
N VAL A 134 18.88 -6.41 -46.78
CA VAL A 134 17.75 -5.92 -47.55
C VAL A 134 18.23 -4.80 -48.47
N ASP A 135 18.58 -5.17 -49.71
CA ASP A 135 19.06 -4.17 -50.66
C ASP A 135 17.91 -3.34 -51.23
N ASN A 136 16.78 -3.97 -51.52
CA ASN A 136 15.64 -3.31 -52.15
C ASN A 136 14.51 -3.23 -51.13
N GLU A 137 14.32 -2.04 -50.56
CA GLU A 137 13.27 -1.81 -49.58
C GLU A 137 11.94 -1.41 -50.21
N GLU A 138 11.91 -1.13 -51.52
CA GLU A 138 10.73 -0.55 -52.13
C GLU A 138 9.49 -1.44 -52.03
N PRO A 139 9.53 -2.73 -52.37
CA PRO A 139 8.29 -3.53 -52.26
C PRO A 139 7.72 -3.59 -50.86
N ILE A 140 8.57 -3.74 -49.85
CA ILE A 140 8.10 -3.82 -48.47
C ILE A 140 7.47 -2.50 -48.04
N ARG A 141 8.04 -1.38 -48.50
CA ARG A 141 7.48 -0.08 -48.14
C ARG A 141 6.17 0.18 -48.87
N ARG A 142 6.09 -0.23 -50.14
CA ARG A 142 4.84 -0.06 -50.88
C ARG A 142 3.71 -0.89 -50.28
N LEU A 143 4.03 -2.11 -49.83
CA LEU A 143 2.99 -2.94 -49.21
C LEU A 143 2.48 -2.31 -47.93
N ALA A 144 3.37 -1.78 -47.10
CA ALA A 144 2.94 -1.11 -45.87
C ALA A 144 2.15 0.15 -46.17
N ASP A 145 2.58 0.92 -47.19
CA ASP A 145 1.85 2.12 -47.58
C ASP A 145 0.44 1.81 -48.06
N LEU A 146 0.25 0.65 -48.68
CA LEU A 146 -1.06 0.26 -49.19
C LEU A 146 -1.99 -0.22 -48.11
N GLY A 147 -1.49 -0.52 -46.92
CA GLY A 147 -2.29 -1.16 -45.90
C GLY A 147 -2.28 -2.67 -45.94
N ILE A 148 -1.40 -3.28 -46.73
CA ILE A 148 -1.26 -4.73 -46.79
C ILE A 148 0.02 -5.06 -46.04
N MET A 149 -0.13 -5.33 -44.74
CA MET A 149 0.97 -5.62 -43.83
C MET A 149 1.91 -6.67 -44.42
N PRO A 150 3.19 -6.34 -44.62
CA PRO A 150 4.17 -7.36 -45.06
C PRO A 150 4.67 -8.16 -43.86
N VAL A 151 4.48 -9.46 -43.90
CA VAL A 151 4.76 -10.34 -42.77
C VAL A 151 5.99 -11.19 -43.11
N MET A 152 7.13 -10.80 -42.56
CA MET A 152 8.33 -11.63 -42.68
C MET A 152 8.34 -12.71 -41.61
N PHE A 153 9.25 -13.66 -41.75
CA PHE A 153 9.30 -14.80 -40.84
C PHE A 153 10.62 -15.52 -40.99
N GLY A 154 10.94 -16.34 -39.98
CA GLY A 154 12.11 -17.19 -40.01
C GLY A 154 12.10 -18.12 -41.21
N ASP A 155 13.20 -18.15 -41.95
CA ASP A 155 13.24 -18.82 -43.25
C ASP A 155 14.65 -19.30 -43.50
N VAL A 156 14.80 -20.08 -44.56
CA VAL A 156 16.11 -20.36 -45.14
C VAL A 156 16.37 -19.31 -46.21
N VAL A 157 17.51 -18.64 -46.12
CA VAL A 157 17.83 -17.52 -46.98
C VAL A 157 19.13 -17.81 -47.73
N PRO A 158 19.24 -17.47 -49.01
CA PRO A 158 20.54 -17.55 -49.69
C PRO A 158 21.59 -16.75 -48.93
N ASP A 159 22.77 -17.36 -48.79
CA ASP A 159 23.91 -16.72 -48.14
C ASP A 159 25.00 -16.46 -49.16
N ARG A 160 25.69 -15.32 -49.02
CA ARG A 160 26.69 -14.90 -49.99
C ARG A 160 28.01 -15.65 -49.85
N LYS A 161 28.19 -16.47 -48.82
CA LYS A 161 29.40 -17.28 -48.68
C LYS A 161 29.14 -18.73 -48.30
N LYS A 162 28.04 -19.05 -47.63
CA LYS A 162 27.77 -20.40 -47.16
C LYS A 162 26.68 -21.11 -47.96
N GLY A 163 26.28 -20.56 -49.10
CA GLY A 163 25.20 -21.14 -49.88
C GLY A 163 23.84 -20.70 -49.39
N PHE A 164 23.49 -21.11 -48.17
CA PHE A 164 22.24 -20.69 -47.53
C PHE A 164 22.49 -20.51 -46.04
N ALA A 165 21.54 -19.87 -45.37
CA ALA A 165 21.58 -19.69 -43.94
C ALA A 165 20.17 -19.64 -43.39
N ILE A 166 20.08 -19.58 -42.06
CA ILE A 166 18.80 -19.49 -41.35
C ILE A 166 18.68 -18.08 -40.82
N VAL A 167 17.65 -17.36 -41.26
CA VAL A 167 17.27 -16.09 -40.66
C VAL A 167 16.23 -16.37 -39.60
N SER A 168 16.34 -15.66 -38.48
CA SER A 168 15.41 -15.80 -37.38
C SER A 168 14.37 -14.69 -37.43
N GLY A 169 13.27 -14.89 -36.71
CA GLY A 169 12.30 -13.83 -36.57
C GLY A 169 12.84 -12.62 -35.84
N ASP A 170 13.73 -12.83 -34.87
CA ASP A 170 14.37 -11.71 -34.19
C ASP A 170 15.17 -10.85 -35.19
N GLN A 171 15.90 -11.50 -36.10
CA GLN A 171 16.64 -10.76 -37.11
C GLN A 171 15.72 -10.00 -38.05
N CYS A 172 14.54 -10.55 -38.36
CA CYS A 172 13.57 -9.81 -39.14
C CYS A 172 13.07 -8.59 -38.37
N MET A 173 12.87 -8.73 -37.06
CA MET A 173 12.44 -7.60 -36.24
C MET A 173 13.48 -6.48 -36.26
N GLU A 174 14.77 -6.83 -36.22
CA GLU A 174 15.81 -5.82 -36.20
C GLU A 174 15.83 -5.01 -37.48
N VAL A 175 15.67 -5.67 -38.63
CA VAL A 175 15.65 -4.95 -39.91
C VAL A 175 14.42 -4.05 -39.98
N LEU A 176 13.26 -4.56 -39.57
CA LEU A 176 12.04 -3.77 -39.66
C LEU A 176 12.05 -2.61 -38.67
N CYS A 177 12.63 -2.82 -37.48
CA CYS A 177 12.78 -1.73 -36.53
C CYS A 177 13.61 -0.60 -37.12
N ARG A 178 14.72 -0.94 -37.78
CA ARG A 178 15.55 0.07 -38.43
C ARG A 178 14.84 0.72 -39.60
N MET A 179 14.01 -0.03 -40.32
CA MET A 179 13.43 0.45 -41.56
C MET A 179 12.29 1.45 -41.32
N PHE A 180 11.36 1.10 -40.42
CA PHE A 180 10.15 1.88 -40.23
C PHE A 180 10.17 2.72 -38.96
N ASP A 181 11.16 2.52 -38.08
CA ASP A 181 11.25 3.25 -36.82
C ASP A 181 9.93 3.18 -36.06
N PRO A 182 9.57 2.02 -35.54
CA PRO A 182 8.28 1.90 -34.85
C PRO A 182 8.28 2.61 -33.51
N GLU A 183 7.06 2.90 -33.03
CA GLU A 183 6.90 3.51 -31.72
C GLU A 183 7.15 2.53 -30.59
N LYS A 184 6.88 1.25 -30.80
CA LYS A 184 6.99 0.25 -29.73
C LYS A 184 7.28 -1.11 -30.35
N VAL A 185 8.07 -1.91 -29.64
CA VAL A 185 8.42 -3.26 -30.07
C VAL A 185 7.89 -4.24 -29.03
N VAL A 186 7.21 -5.28 -29.48
CA VAL A 186 6.66 -6.30 -28.60
C VAL A 186 7.09 -7.68 -29.09
N PHE A 187 7.62 -8.49 -28.17
CA PHE A 187 7.97 -9.89 -28.45
C PHE A 187 6.99 -10.79 -27.72
N VAL A 188 6.23 -11.56 -28.48
CA VAL A 188 5.21 -12.44 -27.92
C VAL A 188 5.82 -13.84 -27.84
N SER A 189 6.00 -14.33 -26.62
CA SER A 189 6.57 -15.65 -26.39
C SER A 189 5.62 -16.46 -25.51
N ASP A 190 6.09 -17.62 -25.07
CA ASP A 190 5.31 -18.47 -24.18
C ASP A 190 5.80 -18.36 -22.74
N ILE A 191 6.58 -17.33 -22.43
CA ILE A 191 7.07 -17.09 -21.08
C ILE A 191 6.64 -15.69 -20.64
N ASP A 192 6.58 -15.50 -19.32
CA ASP A 192 6.17 -14.21 -18.80
C ASP A 192 7.23 -13.12 -18.97
N GLY A 193 8.45 -13.49 -19.28
CA GLY A 193 9.52 -12.53 -19.46
C GLY A 193 10.86 -13.19 -19.19
N LEU A 194 11.84 -12.35 -18.84
CA LEU A 194 13.16 -12.84 -18.45
C LEU A 194 13.15 -13.28 -16.99
N TYR A 195 14.13 -14.11 -16.64
CA TYR A 195 14.26 -14.63 -15.28
C TYR A 195 15.73 -14.64 -14.88
N THR A 196 15.98 -14.29 -13.60
CA THR A 196 17.36 -14.23 -13.10
C THR A 196 18.05 -15.59 -13.21
N ALA A 197 17.31 -16.67 -12.97
CA ALA A 197 17.84 -18.01 -13.16
C ALA A 197 16.88 -18.83 -14.01
N ASP A 198 16.46 -19.99 -13.51
CA ASP A 198 15.47 -20.80 -14.21
C ASP A 198 14.60 -21.56 -13.22
N PRO A 199 13.32 -21.18 -13.08
CA PRO A 199 12.41 -21.83 -12.13
C PRO A 199 11.91 -23.19 -12.63
N LYS A 204 15.38 -20.81 -7.17
CA LYS A 204 14.45 -19.70 -7.03
C LYS A 204 14.87 -18.53 -7.92
N ALA A 205 14.30 -18.49 -9.12
CA ALA A 205 14.57 -17.41 -10.06
C ALA A 205 13.62 -16.24 -9.83
N ARG A 206 13.94 -15.13 -10.46
CA ARG A 206 13.18 -13.89 -10.29
C ARG A 206 12.98 -13.22 -11.64
N LEU A 207 11.76 -12.75 -11.88
CA LEU A 207 11.42 -12.14 -13.16
C LEU A 207 11.98 -10.73 -13.22
N ILE A 208 12.70 -10.43 -14.30
CA ILE A 208 13.23 -9.08 -14.54
C ILE A 208 12.18 -8.28 -15.28
N GLY A 209 11.86 -7.10 -14.76
CA GLY A 209 10.90 -6.22 -15.39
C GLY A 209 11.51 -4.93 -15.88
N GLU A 210 12.80 -4.71 -15.61
CA GLU A 210 13.48 -3.48 -15.97
C GLU A 210 14.80 -3.81 -16.65
N VAL A 211 15.08 -3.12 -17.75
CA VAL A 211 16.37 -3.28 -18.43
C VAL A 211 16.98 -1.92 -18.73
N SER A 234 21.23 -12.61 -21.32
CA SER A 234 22.24 -12.30 -22.31
C SER A 234 21.68 -11.48 -23.46
N LYS A 235 20.36 -11.42 -23.55
CA LYS A 235 19.68 -10.68 -24.60
C LYS A 235 19.08 -9.37 -24.11
N MET A 236 19.53 -8.88 -22.96
CA MET A 236 19.11 -7.56 -22.50
C MET A 236 19.59 -6.47 -23.45
N GLU A 237 20.79 -6.64 -24.02
CA GLU A 237 21.27 -5.72 -25.05
C GLU A 237 20.55 -5.96 -26.38
N ALA A 238 20.24 -7.21 -26.69
CA ALA A 238 19.45 -7.49 -27.89
C ALA A 238 18.09 -6.82 -27.83
N MET A 239 17.53 -6.68 -26.62
CA MET A 239 16.32 -5.90 -26.42
C MET A 239 16.60 -4.40 -26.29
N LEU A 240 17.86 -4.02 -26.08
CA LEU A 240 18.22 -2.62 -25.98
C LEU A 240 18.60 -2.01 -27.32
N ARG A 241 19.03 -2.82 -28.28
CA ARG A 241 19.38 -2.30 -29.59
C ARG A 241 18.18 -1.71 -30.33
N MET A 242 16.97 -2.13 -29.98
CA MET A 242 15.77 -1.62 -30.62
C MET A 242 15.00 -0.69 -29.68
N THR A 243 15.71 0.22 -29.02
CA THR A 243 15.10 1.14 -28.08
C THR A 243 15.72 2.52 -28.26
N ASP A 244 14.88 3.55 -28.33
CA ASP A 244 15.28 4.94 -28.48
C ASP A 244 15.08 5.66 -27.15
N ARG A 245 15.11 6.99 -27.20
CA ARG A 245 14.70 7.79 -26.04
C ARG A 245 13.21 7.60 -25.85
N ASN A 246 12.84 6.70 -24.93
CA ASN A 246 11.45 6.35 -24.61
C ASN A 246 10.78 5.53 -25.71
N ARG A 247 11.55 4.72 -26.44
CA ARG A 247 11.00 3.62 -27.22
C ARG A 247 11.15 2.34 -26.41
N ARG A 248 10.05 1.66 -26.16
CA ARG A 248 10.01 0.55 -25.22
C ARG A 248 9.92 -0.77 -25.97
N CYS A 249 10.70 -1.76 -25.51
CA CYS A 249 10.72 -3.10 -26.08
C CYS A 249 10.19 -4.08 -25.05
N TYR A 250 9.13 -4.79 -25.40
CA TYR A 250 8.42 -5.64 -24.46
C TYR A 250 8.63 -7.12 -24.80
N LEU A 251 8.55 -7.94 -23.76
CA LEU A 251 8.55 -9.40 -23.87
C LEU A 251 7.36 -9.89 -23.06
N VAL A 252 6.38 -10.49 -23.72
CA VAL A 252 5.10 -10.78 -23.09
C VAL A 252 4.69 -12.22 -23.41
N ASN A 253 3.91 -12.81 -22.51
CA ASN A 253 3.43 -14.18 -22.66
C ASN A 253 2.14 -14.17 -23.45
N GLY A 254 2.19 -14.64 -24.70
CA GLY A 254 1.00 -14.67 -25.52
C GLY A 254 0.04 -15.80 -25.20
N ASN A 255 0.44 -16.73 -24.34
CA ASN A 255 -0.45 -17.78 -23.87
C ASN A 255 -1.38 -17.31 -22.76
N ALA A 256 -1.08 -16.16 -22.15
CA ALA A 256 -1.97 -15.56 -21.16
C ALA A 256 -2.97 -14.68 -21.89
N PRO A 257 -4.25 -15.07 -21.95
CA PRO A 257 -5.21 -14.31 -22.76
C PRO A 257 -5.28 -12.83 -22.36
N ASN A 258 -5.52 -12.00 -23.37
CA ASN A 258 -5.76 -10.56 -23.23
C ASN A 258 -4.54 -9.79 -22.75
N ARG A 259 -3.46 -10.48 -22.39
CA ARG A 259 -2.27 -9.77 -21.92
C ARG A 259 -1.64 -8.95 -23.03
N LEU A 260 -1.60 -9.49 -24.25
CA LEU A 260 -1.10 -8.72 -25.38
C LEU A 260 -2.05 -7.59 -25.74
N TYR A 261 -3.35 -7.85 -25.69
CA TYR A 261 -4.34 -6.79 -25.94
C TYR A 261 -4.14 -5.63 -24.97
N SER A 262 -4.07 -5.93 -23.66
CA SER A 262 -3.87 -4.87 -22.67
C SER A 262 -2.55 -4.14 -22.90
N LEU A 263 -1.49 -4.89 -23.20
CA LEU A 263 -0.20 -4.26 -23.49
C LEU A 263 -0.31 -3.33 -24.69
N LEU A 264 -1.02 -3.78 -25.74
CA LEU A 264 -1.17 -2.94 -26.92
C LEU A 264 -2.00 -1.71 -26.65
N LYS A 265 -2.99 -1.81 -25.76
CA LYS A 265 -3.78 -0.65 -25.37
C LYS A 265 -2.95 0.36 -24.57
N GLY A 266 -1.85 -0.08 -23.97
CA GLY A 266 -1.06 0.77 -23.10
C GLY A 266 -1.15 0.44 -21.63
N GLU A 267 -1.94 -0.55 -21.25
CA GLU A 267 -2.04 -0.97 -19.87
C GLU A 267 -0.75 -1.66 -19.43
N THR A 268 -0.53 -1.68 -18.12
CA THR A 268 0.63 -2.33 -17.53
C THR A 268 0.28 -3.78 -17.25
N VAL A 269 1.15 -4.71 -17.70
CA VAL A 269 0.96 -6.14 -17.51
C VAL A 269 2.28 -6.77 -17.10
N THR A 270 2.21 -8.03 -16.70
CA THR A 270 3.42 -8.78 -16.36
C THR A 270 4.26 -8.98 -17.62
N CYS A 271 5.49 -8.48 -17.59
CA CYS A 271 6.35 -8.48 -18.77
C CYS A 271 7.75 -8.05 -18.38
N THR A 272 8.65 -8.05 -19.37
CA THR A 272 9.97 -7.47 -19.26
C THR A 272 10.07 -6.30 -20.23
N VAL A 273 10.52 -5.15 -19.74
CA VAL A 273 10.60 -3.94 -20.54
C VAL A 273 12.05 -3.48 -20.63
N ALA A 274 12.46 -3.04 -21.81
CA ALA A 274 13.77 -2.44 -22.03
C ALA A 274 13.59 -0.95 -22.20
N LYS A 275 14.26 -0.17 -21.36
CA LYS A 275 14.09 1.28 -21.30
C LYS A 275 15.31 1.98 -21.90
N GLY A 276 15.06 3.10 -22.58
CA GLY A 276 16.11 3.96 -23.08
C GLY A 276 17.00 3.36 -24.14
N GLY A 277 17.83 4.18 -24.77
CA GLY A 277 18.73 3.71 -25.82
C GLY A 277 19.87 2.85 -25.30
N VAL B 15 -14.72 31.22 36.06
CA VAL B 15 -13.63 30.28 35.76
C VAL B 15 -14.11 29.27 34.72
N PRO B 16 -13.34 29.11 33.63
CA PRO B 16 -13.76 28.23 32.53
C PRO B 16 -13.82 26.75 32.89
N ARG B 17 -13.96 25.91 31.86
CA ARG B 17 -14.28 24.50 32.05
C ARG B 17 -13.08 23.68 32.54
N GLY B 18 -11.99 23.69 31.77
CA GLY B 18 -10.84 22.86 32.10
C GLY B 18 -9.70 23.59 32.79
N SER B 19 -10.00 24.26 33.90
CA SER B 19 -9.00 25.05 34.60
C SER B 19 -8.29 24.28 35.70
N HIS B 20 -8.66 23.03 35.95
CA HIS B 20 -8.06 22.22 37.01
C HIS B 20 -7.69 20.84 36.49
N MET B 21 -7.21 20.80 35.24
CA MET B 21 -6.84 19.55 34.60
C MET B 21 -5.59 18.96 35.26
N ILE B 22 -5.59 17.64 35.44
CA ILE B 22 -4.47 16.91 36.03
C ILE B 22 -3.92 15.99 34.94
N LEU B 23 -2.68 16.22 34.54
CA LEU B 23 -2.04 15.41 33.50
C LEU B 23 -1.32 14.24 34.15
N ILE B 24 -1.71 13.01 33.79
CA ILE B 24 -1.23 11.81 34.46
C ILE B 24 -0.55 10.91 33.45
N LYS B 25 0.62 10.39 33.82
CA LYS B 25 1.29 9.36 33.03
C LYS B 25 1.30 8.05 33.80
N LEU B 26 0.78 7.00 33.17
CA LEU B 26 0.91 5.63 33.66
C LEU B 26 2.20 5.06 33.08
N GLY B 27 3.18 4.80 33.93
CA GLY B 27 4.48 4.36 33.46
C GLY B 27 4.41 2.96 32.86
N GLY B 28 5.26 2.75 31.84
CA GLY B 28 5.35 1.45 31.21
C GLY B 28 5.65 0.33 32.19
N SER B 29 6.50 0.60 33.18
CA SER B 29 6.85 -0.43 34.16
C SER B 29 5.71 -0.80 35.07
N VAL B 30 4.64 0.00 35.10
CA VAL B 30 3.45 -0.32 35.88
C VAL B 30 2.44 -1.09 35.06
N ILE B 31 2.19 -0.65 33.82
CA ILE B 31 1.13 -1.25 33.01
C ILE B 31 1.62 -2.46 32.23
N THR B 32 2.93 -2.70 32.15
CA THR B 32 3.45 -3.91 31.53
C THR B 32 4.45 -4.58 32.47
N ASP B 33 4.59 -5.89 32.32
CA ASP B 33 5.56 -6.68 33.07
C ASP B 33 6.78 -6.92 32.17
N LYS B 34 7.91 -6.33 32.53
CA LYS B 34 9.12 -6.47 31.71
C LYS B 34 9.66 -7.89 31.72
N SER B 35 9.43 -8.64 32.80
CA SER B 35 9.96 -9.99 32.92
C SER B 35 9.38 -10.95 31.88
N GLU B 36 8.18 -10.68 31.37
CA GLU B 36 7.55 -11.51 30.36
C GLU B 36 7.41 -10.74 29.05
N TYR B 37 6.99 -11.44 28.00
CA TYR B 37 6.82 -10.87 26.68
C TYR B 37 5.36 -10.50 26.46
N HIS B 38 5.12 -9.25 26.04
CA HIS B 38 3.78 -8.79 25.65
C HIS B 38 2.77 -8.91 26.80
N LYS B 39 3.24 -8.86 28.04
CA LYS B 39 2.37 -9.05 29.20
C LYS B 39 1.81 -7.71 29.65
N PHE B 40 0.48 -7.61 29.69
CA PHE B 40 -0.23 -6.41 30.12
C PHE B 40 -0.75 -6.60 31.53
N ASN B 41 -0.47 -5.63 32.40
CA ASN B 41 -0.93 -5.69 33.79
C ASN B 41 -2.36 -5.15 33.85
N LYS B 42 -3.29 -5.99 33.40
CA LYS B 42 -4.68 -5.57 33.30
C LYS B 42 -5.24 -5.21 34.67
N GLU B 43 -4.97 -6.03 35.68
CA GLU B 43 -5.55 -5.79 37.00
C GLU B 43 -5.05 -4.48 37.59
N THR B 44 -3.76 -4.18 37.41
CA THR B 44 -3.22 -2.92 37.88
C THR B 44 -3.84 -1.74 37.13
N VAL B 45 -3.92 -1.83 35.80
CA VAL B 45 -4.50 -0.74 35.02
C VAL B 45 -5.97 -0.58 35.36
N SER B 46 -6.67 -1.68 35.61
CA SER B 46 -8.07 -1.59 35.99
C SER B 46 -8.23 -0.84 37.31
N ARG B 47 -7.40 -1.15 38.31
CA ARG B 47 -7.50 -0.46 39.59
C ARG B 47 -7.14 1.02 39.45
N LEU B 48 -6.06 1.32 38.71
CA LEU B 48 -5.66 2.71 38.51
C LEU B 48 -6.75 3.50 37.79
N ALA B 49 -7.40 2.88 36.80
CA ALA B 49 -8.52 3.54 36.12
C ALA B 49 -9.66 3.79 37.09
N ASP B 50 -9.92 2.83 37.98
CA ASP B 50 -10.95 3.02 39.00
C ASP B 50 -10.59 4.17 39.92
N GLU B 51 -9.32 4.23 40.36
CA GLU B 51 -8.89 5.33 41.22
C GLU B 51 -9.02 6.68 40.52
N ILE B 52 -8.75 6.72 39.22
CA ILE B 52 -8.91 7.96 38.45
C ILE B 52 -10.37 8.38 38.43
N ARG B 53 -11.27 7.42 38.19
CA ARG B 53 -12.70 7.74 38.17
C ARG B 53 -13.17 8.25 39.54
N ARG B 54 -12.83 7.51 40.60
CA ARG B 54 -13.31 7.88 41.92
C ARG B 54 -12.78 9.23 42.38
N SER B 55 -11.62 9.65 41.86
CA SER B 55 -11.06 10.94 42.25
C SER B 55 -11.96 12.11 41.86
N GLY B 56 -12.85 11.93 40.87
CA GLY B 56 -13.69 13.01 40.42
C GLY B 56 -12.98 14.11 39.68
N GLN B 57 -11.70 13.95 39.38
CA GLN B 57 -10.90 15.01 38.79
C GLN B 57 -10.98 14.98 37.27
N ASP B 58 -10.63 16.12 36.68
CA ASP B 58 -10.51 16.24 35.23
C ASP B 58 -9.06 15.90 34.86
N VAL B 59 -8.88 14.83 34.09
CA VAL B 59 -7.55 14.30 33.81
C VAL B 59 -7.36 14.07 32.32
N MET B 60 -6.08 14.03 31.93
CA MET B 60 -5.65 13.57 30.61
C MET B 60 -4.56 12.54 30.84
N VAL B 61 -4.71 11.36 30.25
CA VAL B 61 -3.87 10.22 30.56
C VAL B 61 -2.88 9.99 29.43
N VAL B 62 -1.59 9.85 29.80
CA VAL B 62 -0.52 9.37 28.94
C VAL B 62 -0.04 8.04 29.50
N HIS B 63 0.44 7.16 28.63
CA HIS B 63 1.06 5.93 29.10
C HIS B 63 2.29 5.62 28.27
N GLY B 64 3.28 4.99 28.93
CA GLY B 64 4.46 4.53 28.22
C GLY B 64 4.20 3.27 27.42
N ALA B 65 5.15 2.95 26.54
CA ALA B 65 5.08 1.69 25.82
C ALA B 65 5.53 0.52 26.69
N GLY B 66 6.39 0.77 27.66
CA GLY B 66 6.88 -0.31 28.51
C GLY B 66 7.62 -1.35 27.69
N SER B 67 7.36 -2.62 28.00
CA SER B 67 8.01 -3.72 27.31
C SER B 67 7.51 -3.90 25.88
N PHE B 68 6.41 -3.25 25.50
CA PHE B 68 5.84 -3.43 24.18
C PHE B 68 6.73 -2.75 23.15
N GLY B 69 7.36 -3.56 22.29
CA GLY B 69 8.26 -3.06 21.28
C GLY B 69 9.66 -2.73 21.74
N HIS B 70 9.86 -2.54 23.05
CA HIS B 70 11.19 -2.20 23.55
C HIS B 70 12.20 -3.28 23.23
N VAL B 71 11.78 -4.56 23.26
CA VAL B 71 12.66 -5.65 22.89
C VAL B 71 13.03 -5.56 21.41
N ILE B 72 12.04 -5.31 20.55
CA ILE B 72 12.28 -5.26 19.12
C ILE B 72 13.01 -3.97 18.75
N ALA B 73 12.67 -2.86 19.42
CA ALA B 73 13.35 -1.59 19.15
C ALA B 73 14.81 -1.61 19.58
N LYS B 74 15.21 -2.54 20.46
CA LYS B 74 16.59 -2.60 20.90
C LYS B 74 17.47 -3.30 19.87
N LYS B 75 17.10 -4.52 19.48
CA LYS B 75 17.89 -5.31 18.55
C LYS B 75 17.96 -4.70 17.15
N TYR B 76 17.19 -3.66 16.87
CA TYR B 76 17.25 -2.96 15.60
C TYR B 76 17.70 -1.52 15.72
N ALA B 77 18.01 -1.06 16.94
CA ALA B 77 18.51 0.30 17.17
C ALA B 77 17.61 1.35 16.53
N ILE B 78 16.29 1.16 16.67
CA ILE B 78 15.32 2.05 16.03
C ILE B 78 15.44 3.47 16.55
N GLN B 79 15.81 3.64 17.82
CA GLN B 79 15.92 4.97 18.38
C GLN B 79 17.08 5.77 17.80
N ASP B 80 17.96 5.14 17.02
CA ASP B 80 19.13 5.81 16.47
C ASP B 80 18.92 6.28 15.03
N GLY B 81 17.85 5.88 14.37
CA GLY B 81 17.50 6.39 13.06
C GLY B 81 17.42 5.30 12.01
N HIS B 82 17.08 5.74 10.79
CA HIS B 82 16.90 4.85 9.65
C HIS B 82 18.24 4.70 8.94
N VAL B 83 18.88 3.56 9.12
CA VAL B 83 20.09 3.23 8.39
C VAL B 83 19.97 1.94 7.60
N ASP B 84 19.05 1.05 8.00
CA ASP B 84 18.88 -0.25 7.38
C ASP B 84 17.45 -0.38 6.87
N ASP B 85 17.29 -1.05 5.74
CA ASP B 85 15.96 -1.30 5.20
C ASP B 85 15.27 -2.49 5.87
N GLY B 86 15.98 -3.25 6.71
CA GLY B 86 15.34 -4.27 7.51
C GLY B 86 14.70 -3.76 8.79
N GLN B 87 14.97 -2.50 9.16
CA GLN B 87 14.33 -1.90 10.32
C GLN B 87 12.87 -1.55 10.05
N ILE B 88 12.48 -1.44 8.79
CA ILE B 88 11.13 -0.99 8.44
C ILE B 88 10.10 -2.03 8.87
N PRO B 89 10.27 -3.33 8.58
CA PRO B 89 9.31 -4.30 9.14
C PRO B 89 9.35 -4.36 10.65
N ALA B 90 10.47 -4.00 11.27
CA ALA B 90 10.55 -3.97 12.73
C ALA B 90 9.88 -2.72 13.30
N ALA B 91 10.13 -1.56 12.67
CA ALA B 91 9.43 -0.34 13.07
C ALA B 91 7.93 -0.51 12.97
N ALA B 92 7.43 -1.11 11.88
CA ALA B 92 6.01 -1.37 11.77
C ALA B 92 5.52 -2.34 12.84
N ARG B 93 6.36 -3.32 13.19
CA ARG B 93 6.00 -4.26 14.25
C ARG B 93 5.84 -3.54 15.59
N ILE B 94 6.73 -2.58 15.88
CA ILE B 94 6.66 -1.84 17.13
C ILE B 94 5.40 -0.98 17.19
N MET B 95 5.12 -0.25 16.10
CA MET B 95 3.95 0.63 16.10
C MET B 95 2.68 -0.16 16.29
N CYS B 96 2.60 -1.35 15.69
CA CYS B 96 1.46 -2.22 15.94
C CYS B 96 1.39 -2.61 17.42
N ASP B 97 2.55 -2.83 18.06
CA ASP B 97 2.56 -3.24 19.45
C ASP B 97 2.03 -2.13 20.36
N THR B 98 2.58 -0.91 20.22
CA THR B 98 2.16 0.19 21.06
C THR B 98 0.69 0.53 20.84
N ARG B 99 0.22 0.45 19.59
CA ARG B 99 -1.19 0.72 19.33
C ARG B 99 -2.09 -0.33 19.97
N GLU B 100 -1.64 -1.58 19.98
CA GLU B 100 -2.42 -2.62 20.65
C GLU B 100 -2.38 -2.46 22.16
N LEU B 101 -1.23 -2.02 22.70
CA LEU B 101 -1.16 -1.73 24.13
C LEU B 101 -2.13 -0.61 24.51
N SER B 102 -2.12 0.49 23.76
CA SER B 102 -3.02 1.60 24.05
C SER B 102 -4.47 1.17 23.99
N SER B 103 -4.80 0.20 23.13
CA SER B 103 -6.17 -0.31 23.09
C SER B 103 -6.54 -0.99 24.40
N MET B 104 -5.64 -1.80 24.95
CA MET B 104 -5.92 -2.43 26.24
C MET B 104 -6.04 -1.41 27.35
N VAL B 105 -5.25 -0.32 27.27
CA VAL B 105 -5.34 0.73 28.28
C VAL B 105 -6.67 1.48 28.14
N VAL B 106 -7.07 1.79 26.90
CA VAL B 106 -8.31 2.53 26.69
C VAL B 106 -9.51 1.68 27.11
N GLU B 107 -9.46 0.37 26.86
CA GLU B 107 -10.56 -0.50 27.25
C GLU B 107 -10.82 -0.41 28.75
N GLU B 108 -9.75 -0.38 29.55
CA GLU B 108 -9.91 -0.27 31.00
C GLU B 108 -10.49 1.07 31.41
N LEU B 109 -10.06 2.15 30.74
CA LEU B 109 -10.65 3.46 31.00
C LEU B 109 -12.13 3.48 30.62
N LEU B 110 -12.48 2.94 29.46
CA LEU B 110 -13.88 2.92 29.04
C LEU B 110 -14.73 2.13 30.03
N ALA B 111 -14.23 0.97 30.46
CA ALA B 111 -14.98 0.16 31.42
C ALA B 111 -15.19 0.89 32.74
N GLN B 112 -14.27 1.79 33.11
CA GLN B 112 -14.41 2.57 34.32
C GLN B 112 -15.15 3.89 34.09
N GLY B 113 -15.93 3.99 33.03
CA GLY B 113 -16.72 5.18 32.79
C GLY B 113 -15.91 6.40 32.41
N ILE B 114 -14.80 6.20 31.70
CA ILE B 114 -13.91 7.27 31.30
C ILE B 114 -13.72 7.20 29.79
N PRO B 115 -14.49 7.98 29.02
CA PRO B 115 -14.34 7.97 27.56
C PRO B 115 -12.96 8.45 27.15
N ALA B 116 -12.31 7.67 26.27
CA ALA B 116 -10.98 8.03 25.81
C ALA B 116 -10.77 7.42 24.44
N VAL B 117 -9.72 7.88 23.76
CA VAL B 117 -9.34 7.33 22.48
C VAL B 117 -7.82 7.42 22.35
N SER B 118 -7.21 6.36 21.82
CA SER B 118 -5.76 6.33 21.63
C SER B 118 -5.35 7.30 20.52
N VAL B 119 -4.36 8.14 20.81
CA VAL B 119 -3.83 9.09 19.83
C VAL B 119 -2.37 8.74 19.65
N ALA B 120 -2.08 7.93 18.63
CA ALA B 120 -0.73 7.45 18.37
C ALA B 120 0.13 8.57 17.80
N PRO B 121 1.18 9.01 18.51
CA PRO B 121 2.03 10.08 17.95
C PRO B 121 2.64 9.74 16.61
N GLY B 122 3.06 8.49 16.40
CA GLY B 122 3.63 8.09 15.14
C GLY B 122 2.67 8.13 13.96
N SER B 123 1.37 8.26 14.23
CA SER B 123 0.37 8.31 13.18
C SER B 123 -0.01 9.72 12.76
N CYS B 124 0.43 10.75 13.51
CA CYS B 124 0.02 12.10 13.17
C CYS B 124 1.05 13.18 13.52
N PHE B 125 2.21 12.83 14.08
CA PHE B 125 3.21 13.82 14.44
C PHE B 125 4.57 13.41 13.88
N VAL B 126 5.54 14.32 14.02
CA VAL B 126 6.91 14.09 13.58
C VAL B 126 7.86 14.49 14.69
N MET B 127 9.12 14.07 14.57
CA MET B 127 10.15 14.40 15.53
C MET B 127 11.37 14.95 14.82
N GLU B 128 12.15 15.76 15.54
CA GLU B 128 13.34 16.37 14.99
C GLU B 128 14.31 16.68 16.12
N ASP B 129 15.44 15.96 16.15
CA ASP B 129 16.50 16.16 17.15
C ASP B 129 15.97 15.96 18.56
N GLY B 130 15.52 14.73 18.83
CA GLY B 130 15.00 14.37 20.14
C GLY B 130 13.88 15.23 20.64
N LYS B 131 13.12 15.87 19.75
CA LYS B 131 12.06 16.78 20.12
C LYS B 131 10.81 16.45 19.33
N LEU B 132 9.66 16.44 20.00
CA LEU B 132 8.39 16.11 19.37
C LEU B 132 7.72 17.38 18.88
N ILE B 133 7.33 17.39 17.61
CA ILE B 133 6.72 18.56 16.97
C ILE B 133 5.25 18.26 16.75
N VAL B 134 4.38 19.15 17.23
CA VAL B 134 2.94 19.07 17.04
C VAL B 134 2.52 20.34 16.29
N ASP B 135 2.46 20.25 14.97
CA ASP B 135 2.10 21.41 14.15
C ASP B 135 0.60 21.67 14.19
N ASN B 136 -0.23 20.63 14.11
CA ASN B 136 -1.67 20.78 14.12
C ASN B 136 -2.22 20.32 15.46
N GLU B 137 -2.57 21.27 16.31
CA GLU B 137 -3.13 21.00 17.62
C GLU B 137 -4.64 20.89 17.61
N GLU B 138 -5.28 21.04 16.45
CA GLU B 138 -6.75 21.10 16.42
C GLU B 138 -7.40 19.77 16.77
N PRO B 139 -7.04 18.63 16.16
CA PRO B 139 -7.78 17.39 16.49
C PRO B 139 -7.66 17.01 17.95
N ILE B 140 -6.45 17.14 18.51
CA ILE B 140 -6.22 16.87 19.93
C ILE B 140 -7.12 17.74 20.79
N ARG B 141 -7.19 19.03 20.48
CA ARG B 141 -7.95 19.93 21.33
C ARG B 141 -9.45 19.74 21.15
N ARG B 142 -9.89 19.27 19.98
CA ARG B 142 -11.30 19.00 19.79
C ARG B 142 -11.71 17.74 20.54
N LEU B 143 -10.87 16.69 20.50
CA LEU B 143 -11.15 15.48 21.27
C LEU B 143 -11.29 15.80 22.76
N ALA B 144 -10.39 16.63 23.30
CA ALA B 144 -10.49 16.97 24.71
C ALA B 144 -11.72 17.83 24.99
N ASP B 145 -12.06 18.72 24.06
CA ASP B 145 -13.27 19.54 24.22
C ASP B 145 -14.52 18.67 24.21
N LEU B 146 -14.55 17.65 23.35
CA LEU B 146 -15.68 16.74 23.28
C LEU B 146 -15.85 15.91 24.55
N GLY B 147 -14.81 15.78 25.35
CA GLY B 147 -14.81 14.86 26.47
C GLY B 147 -14.32 13.47 26.13
N ILE B 148 -13.75 13.26 24.95
CA ILE B 148 -13.16 11.99 24.56
C ILE B 148 -11.65 12.14 24.78
N MET B 149 -11.21 11.78 25.98
CA MET B 149 -9.85 12.08 26.41
C MET B 149 -8.83 11.52 25.42
N PRO B 150 -7.97 12.36 24.83
CA PRO B 150 -6.97 11.86 23.90
C PRO B 150 -5.78 11.29 24.68
N VAL B 151 -5.39 10.06 24.35
CA VAL B 151 -4.38 9.32 25.08
C VAL B 151 -3.20 9.10 24.14
N MET B 152 -2.14 9.86 24.34
CA MET B 152 -0.88 9.70 23.63
C MET B 152 -0.01 8.68 24.37
N PHE B 153 0.97 8.13 23.64
CA PHE B 153 1.79 7.08 24.22
C PHE B 153 3.09 6.94 23.44
N GLY B 154 4.10 6.39 24.11
CA GLY B 154 5.39 6.12 23.50
C GLY B 154 5.29 5.32 22.23
N ASP B 155 5.98 5.75 21.18
CA ASP B 155 5.73 5.24 19.84
C ASP B 155 6.95 5.49 18.97
N VAL B 156 6.99 4.80 17.84
CA VAL B 156 7.92 5.13 16.76
C VAL B 156 7.28 6.24 15.93
N VAL B 157 8.02 7.33 15.74
CA VAL B 157 7.51 8.52 15.06
C VAL B 157 8.40 8.83 13.86
N PRO B 158 7.84 9.22 12.71
CA PRO B 158 8.69 9.68 11.60
C PRO B 158 9.54 10.87 12.01
N ASP B 159 10.81 10.82 11.62
CA ASP B 159 11.79 11.84 12.00
C ASP B 159 12.23 12.63 10.77
N ARG B 160 12.38 13.95 10.95
CA ARG B 160 12.71 14.84 9.85
C ARG B 160 14.17 14.73 9.40
N LYS B 161 15.02 13.99 10.10
CA LYS B 161 16.43 13.91 9.73
C LYS B 161 16.95 12.48 9.76
N LYS B 162 16.60 11.71 10.80
CA LYS B 162 17.07 10.35 10.95
C LYS B 162 16.11 9.33 10.36
N GLY B 163 15.08 9.77 9.65
CA GLY B 163 14.08 8.86 9.12
C GLY B 163 12.97 8.62 10.11
N PHE B 164 13.23 7.80 11.13
CA PHE B 164 12.29 7.58 12.22
C PHE B 164 13.03 7.65 13.55
N ALA B 165 12.26 7.88 14.61
CA ALA B 165 12.80 7.95 15.96
C ALA B 165 11.76 7.39 16.93
N ILE B 166 12.08 7.44 18.22
CA ILE B 166 11.22 6.88 19.26
C ILE B 166 10.92 7.97 20.27
N VAL B 167 9.65 8.35 20.38
CA VAL B 167 9.20 9.31 21.39
C VAL B 167 8.79 8.55 22.62
N SER B 168 9.04 9.15 23.78
CA SER B 168 8.70 8.55 25.06
C SER B 168 7.41 9.15 25.60
N GLY B 169 6.77 8.40 26.48
CA GLY B 169 5.64 8.94 27.22
C GLY B 169 6.00 10.20 27.97
N ASP B 170 7.20 10.23 28.56
CA ASP B 170 7.66 11.42 29.28
C ASP B 170 7.69 12.64 28.35
N GLN B 171 8.10 12.45 27.11
CA GLN B 171 8.14 13.55 26.17
C GLN B 171 6.74 13.95 25.72
N CYS B 172 5.85 12.97 25.54
CA CYS B 172 4.45 13.29 25.34
C CYS B 172 3.91 14.13 26.49
N MET B 173 4.33 13.80 27.72
CA MET B 173 3.90 14.54 28.90
C MET B 173 4.29 16.01 28.81
N GLU B 174 5.53 16.28 28.41
CA GLU B 174 6.00 17.67 28.32
C GLU B 174 5.21 18.46 27.29
N VAL B 175 4.98 17.87 26.12
CA VAL B 175 4.25 18.57 25.06
C VAL B 175 2.83 18.90 25.51
N LEU B 176 2.13 17.92 26.08
CA LEU B 176 0.76 18.18 26.55
C LEU B 176 0.74 19.16 27.71
N CYS B 177 1.80 19.18 28.52
CA CYS B 177 1.86 20.12 29.63
C CYS B 177 1.89 21.56 29.15
N ARG B 178 2.70 21.86 28.12
CA ARG B 178 2.67 23.19 27.55
C ARG B 178 1.40 23.45 26.74
N MET B 179 0.77 22.40 26.22
CA MET B 179 -0.41 22.59 25.38
C MET B 179 -1.63 22.97 26.21
N PHE B 180 -1.90 22.24 27.29
CA PHE B 180 -3.14 22.41 28.04
C PHE B 180 -2.96 23.08 29.39
N ASP B 181 -1.73 23.39 29.79
CA ASP B 181 -1.45 24.05 31.06
C ASP B 181 -2.20 23.41 32.23
N PRO B 182 -1.87 22.17 32.57
CA PRO B 182 -2.57 21.51 33.69
C PRO B 182 -2.26 22.19 35.01
N GLU B 183 -3.17 21.97 35.97
CA GLU B 183 -2.93 22.43 37.33
C GLU B 183 -2.03 21.47 38.11
N LYS B 184 -1.90 20.23 37.66
CA LYS B 184 -1.13 19.22 38.38
C LYS B 184 -0.65 18.18 37.38
N VAL B 185 0.59 17.70 37.58
CA VAL B 185 1.19 16.69 36.72
C VAL B 185 1.65 15.53 37.59
N VAL B 186 1.23 14.32 37.24
CA VAL B 186 1.47 13.14 38.04
C VAL B 186 2.09 12.06 37.17
N PHE B 187 3.28 11.62 37.53
CA PHE B 187 3.94 10.49 36.89
C PHE B 187 3.75 9.27 37.77
N VAL B 188 3.16 8.22 37.23
CA VAL B 188 2.86 7.02 37.97
C VAL B 188 3.89 5.97 37.58
N SER B 189 4.71 5.55 38.56
CA SER B 189 5.71 4.53 38.31
C SER B 189 5.59 3.43 39.34
N ASP B 190 6.56 2.51 39.38
CA ASP B 190 6.52 1.40 40.32
C ASP B 190 7.45 1.61 41.51
N ILE B 191 7.89 2.86 41.72
CA ILE B 191 8.74 3.23 42.84
C ILE B 191 8.03 4.31 43.65
N ASP B 192 8.48 4.49 44.89
CA ASP B 192 7.87 5.46 45.79
C ASP B 192 8.14 6.89 45.35
N GLY B 193 9.26 7.13 44.68
CA GLY B 193 9.63 8.47 44.26
C GLY B 193 11.11 8.51 43.87
N LEU B 194 11.70 9.69 44.05
CA LEU B 194 13.12 9.91 43.82
C LEU B 194 13.91 9.62 45.09
N TYR B 195 15.04 8.93 44.93
CA TYR B 195 15.84 8.49 46.07
C TYR B 195 17.23 9.13 46.04
N THR B 196 17.76 9.39 47.23
CA THR B 196 19.12 9.89 47.39
C THR B 196 19.95 9.00 48.31
N ARG B 206 15.89 8.37 52.64
CA ARG B 206 16.51 8.31 51.33
C ARG B 206 15.51 8.72 50.24
N LEU B 207 14.22 8.65 50.54
CA LEU B 207 13.20 9.12 49.61
C LEU B 207 13.18 10.63 49.62
N ILE B 208 13.38 11.24 48.45
CA ILE B 208 13.32 12.70 48.32
C ILE B 208 11.85 13.10 48.29
N GLY B 209 11.38 13.71 49.38
CA GLY B 209 9.97 14.02 49.49
C GLY B 209 9.55 15.32 48.84
N GLU B 210 10.45 16.31 48.82
CA GLU B 210 10.16 17.62 48.26
C GLU B 210 11.30 18.07 47.37
N VAL B 211 10.98 18.50 46.15
CA VAL B 211 11.96 19.01 45.20
C VAL B 211 11.63 20.48 44.91
N THR B 212 12.58 21.36 45.20
CA THR B 212 12.49 22.78 44.86
C THR B 212 13.76 23.18 44.12
N ARG B 213 13.74 24.36 43.52
CA ARG B 213 14.95 24.85 42.86
C ARG B 213 16.05 25.11 43.89
N LYS B 214 15.67 25.61 45.07
CA LYS B 214 16.64 25.83 46.15
C LYS B 214 17.25 24.50 46.58
N LYS B 215 16.42 23.48 46.79
CA LYS B 215 16.95 22.16 47.14
C LYS B 215 17.75 21.55 46.00
N LEU B 216 17.48 21.97 44.76
CA LEU B 216 18.28 21.50 43.63
C LEU B 216 19.67 22.11 43.66
N ASP B 217 19.76 23.43 43.87
CA ASP B 217 21.06 24.08 43.96
C ASP B 217 21.86 23.58 45.16
N GLU B 218 21.19 23.23 46.26
CA GLU B 218 21.89 22.68 47.41
C GLU B 218 22.49 21.30 47.08
N ALA B 219 21.78 20.50 46.30
CA ALA B 219 22.30 19.20 45.90
C ALA B 219 23.52 19.31 44.98
N LEU B 220 23.76 20.49 44.39
CA LEU B 220 24.95 20.70 43.58
C LEU B 220 26.21 20.80 44.42
N THR B 221 26.08 21.02 45.73
CA THR B 221 27.24 21.20 46.60
C THR B 221 27.75 19.90 47.20
N ASP B 222 26.97 18.83 47.15
CA ASP B 222 27.36 17.53 47.68
C ASP B 222 27.46 16.53 46.53
N ILE B 223 28.60 15.84 46.45
CA ILE B 223 28.86 14.86 45.39
C ILE B 223 28.84 13.47 46.01
N THR B 224 28.18 12.54 45.32
CA THR B 224 28.15 11.14 45.73
C THR B 224 27.82 10.30 44.51
N VAL B 225 28.45 9.12 44.43
CA VAL B 225 28.30 8.27 43.26
C VAL B 225 26.85 7.79 43.10
N ALA B 226 26.12 7.69 44.22
CA ALA B 226 24.73 7.25 44.14
C ALA B 226 23.85 8.29 43.45
N ASP B 227 24.09 9.58 43.74
CA ASP B 227 23.29 10.66 43.17
C ASP B 227 23.84 11.18 41.85
N VAL B 228 24.97 10.67 41.39
CA VAL B 228 25.49 11.00 40.06
C VAL B 228 25.15 9.92 39.05
N THR B 229 25.43 8.65 39.37
CA THR B 229 24.99 7.53 38.56
C THR B 229 23.54 7.25 38.90
N GLY B 230 22.64 7.58 37.98
CA GLY B 230 21.22 7.49 38.25
C GLY B 230 20.53 8.82 37.97
N GLY B 231 21.33 9.87 37.81
CA GLY B 231 20.82 11.17 37.42
C GLY B 231 19.80 11.73 38.39
N VAL B 232 20.10 11.67 39.69
CA VAL B 232 19.19 12.20 40.70
C VAL B 232 18.96 13.68 40.47
N HIS B 233 20.05 14.44 40.34
CA HIS B 233 19.93 15.87 40.08
C HIS B 233 19.18 16.15 38.78
N SER B 234 19.45 15.34 37.74
CA SER B 234 18.80 15.54 36.45
C SER B 234 17.33 15.15 36.48
N LYS B 235 16.95 14.22 37.35
CA LYS B 235 15.54 13.85 37.46
C LYS B 235 14.75 14.89 38.24
N MET B 236 15.36 15.48 39.28
CA MET B 236 14.71 16.59 39.97
C MET B 236 14.48 17.76 39.02
N GLU B 237 15.46 18.03 38.15
CA GLU B 237 15.33 19.16 37.23
C GLU B 237 14.19 18.95 36.25
N ALA B 238 14.08 17.74 35.68
CA ALA B 238 13.01 17.45 34.74
C ALA B 238 11.64 17.61 35.39
N MET B 239 11.52 17.22 36.66
CA MET B 239 10.25 17.43 37.36
C MET B 239 9.98 18.91 37.59
N LEU B 240 11.02 19.66 37.96
CA LEU B 240 10.86 21.09 38.23
C LEU B 240 10.50 21.87 36.98
N ARG B 241 10.98 21.46 35.80
CA ARG B 241 10.68 22.19 34.58
C ARG B 241 9.24 22.04 34.14
N MET B 242 8.47 21.16 34.79
CA MET B 242 7.05 21.04 34.54
C MET B 242 6.21 21.66 35.65
N THR B 243 6.83 22.47 36.50
CA THR B 243 6.11 23.20 37.53
C THR B 243 6.31 24.70 37.32
N ASP B 244 5.46 25.48 38.01
CA ASP B 244 5.65 26.91 38.13
C ASP B 244 5.28 27.31 39.56
N ARG B 245 4.76 28.52 39.76
CA ARG B 245 4.41 28.93 41.11
C ARG B 245 3.12 28.29 41.61
N ASN B 246 2.39 27.60 40.75
CA ASN B 246 1.15 26.96 41.14
C ASN B 246 1.15 25.47 40.82
N ARG B 247 1.44 25.10 39.58
CA ARG B 247 1.39 23.71 39.17
C ARG B 247 2.50 22.91 39.86
N ARG B 248 2.14 21.74 40.35
CA ARG B 248 3.09 20.83 40.98
C ARG B 248 3.23 19.57 40.14
N CYS B 249 4.37 18.91 40.29
CA CYS B 249 4.69 17.70 39.57
C CYS B 249 4.99 16.60 40.58
N TYR B 250 4.33 15.46 40.43
CA TYR B 250 4.37 14.38 41.40
C TYR B 250 4.94 13.11 40.77
N LEU B 251 5.58 12.32 41.61
CA LEU B 251 6.02 10.97 41.28
C LEU B 251 5.46 10.04 42.35
N VAL B 252 4.62 9.09 41.93
CA VAL B 252 3.84 8.28 42.87
C VAL B 252 3.88 6.82 42.44
N ASN B 253 3.75 5.92 43.41
CA ASN B 253 3.84 4.48 43.19
C ASN B 253 2.45 3.92 42.87
N GLY B 254 2.22 3.62 41.60
CA GLY B 254 0.94 3.06 41.18
C GLY B 254 0.72 1.61 41.58
N ASN B 255 1.75 0.94 42.10
CA ASN B 255 1.56 -0.40 42.63
C ASN B 255 1.03 -0.38 44.07
N ALA B 256 0.98 0.80 44.70
CA ALA B 256 0.41 0.93 46.03
C ALA B 256 -1.07 1.24 45.90
N PRO B 257 -1.97 0.33 46.30
CA PRO B 257 -3.40 0.57 46.08
C PRO B 257 -3.89 1.84 46.77
N ASN B 258 -4.67 2.61 46.01
CA ASN B 258 -5.36 3.83 46.41
C ASN B 258 -4.43 5.01 46.67
N ARG B 259 -3.13 4.87 46.39
CA ARG B 259 -2.25 6.01 46.55
C ARG B 259 -2.50 7.06 45.47
N LEU B 260 -2.67 6.64 44.22
CA LEU B 260 -3.00 7.60 43.17
C LEU B 260 -4.31 8.31 43.46
N TYR B 261 -5.32 7.57 43.92
CA TYR B 261 -6.62 8.16 44.26
C TYR B 261 -6.45 9.26 45.31
N SER B 262 -5.76 8.96 46.41
CA SER B 262 -5.61 9.94 47.47
C SER B 262 -4.81 11.15 47.01
N LEU B 263 -3.81 10.93 46.14
CA LEU B 263 -3.05 12.05 45.59
C LEU B 263 -3.94 12.96 44.76
N LEU B 264 -4.77 12.36 43.88
CA LEU B 264 -5.61 13.16 43.00
C LEU B 264 -6.69 13.90 43.77
N LYS B 265 -7.07 13.40 44.94
CA LYS B 265 -7.98 14.11 45.83
C LYS B 265 -7.28 15.21 46.63
N GLY B 266 -5.95 15.31 46.54
CA GLY B 266 -5.22 16.32 47.25
C GLY B 266 -4.77 15.94 48.65
N GLU B 267 -4.91 14.67 49.04
CA GLU B 267 -4.42 14.22 50.32
C GLU B 267 -2.91 13.96 50.26
N THR B 268 -2.26 14.06 51.42
CA THR B 268 -0.83 13.83 51.50
C THR B 268 -0.55 12.34 51.46
N VAL B 269 0.33 11.93 50.54
CA VAL B 269 0.70 10.53 50.38
C VAL B 269 2.21 10.46 50.23
N THR B 270 2.73 9.24 50.36
CA THR B 270 4.13 8.98 50.05
C THR B 270 4.38 9.22 48.58
N CYS B 271 5.31 10.13 48.26
CA CYS B 271 5.58 10.52 46.89
C CYS B 271 6.77 11.47 46.89
N THR B 272 7.20 11.84 45.68
CA THR B 272 8.11 12.97 45.48
C THR B 272 7.32 14.05 44.76
N VAL B 273 7.30 15.25 45.33
CA VAL B 273 6.60 16.39 44.74
C VAL B 273 7.61 17.48 44.44
N ALA B 274 7.57 17.98 43.22
CA ALA B 274 8.34 19.15 42.82
C ALA B 274 7.42 20.37 42.81
N LYS B 275 7.94 21.49 43.28
CA LYS B 275 7.11 22.69 43.43
C LYS B 275 7.96 23.92 43.21
N GLY B 276 7.29 25.02 42.87
CA GLY B 276 7.90 26.33 42.84
C GLY B 276 8.50 26.74 41.50
N GLY B 277 8.63 25.82 40.55
CA GLY B 277 9.18 26.14 39.25
C GLY B 277 10.69 26.23 39.25
N MET B 278 11.25 26.33 38.03
CA MET B 278 12.68 26.52 37.87
C MET B 278 13.08 27.99 37.97
N GLU B 279 12.25 28.87 37.42
CA GLU B 279 12.55 30.30 37.41
C GLU B 279 11.56 31.08 38.27
N MET C 21 1.43 2.42 -5.84
CA MET C 21 0.82 3.16 -6.93
C MET C 21 -0.63 2.73 -7.14
N ILE C 22 -1.09 1.77 -6.34
CA ILE C 22 -2.45 1.25 -6.42
C ILE C 22 -3.13 1.50 -5.09
N LEU C 23 -4.33 2.08 -5.14
CA LEU C 23 -5.10 2.42 -3.95
C LEU C 23 -6.24 1.41 -3.79
N ILE C 24 -6.22 0.66 -2.68
CA ILE C 24 -7.19 -0.40 -2.44
C ILE C 24 -8.05 -0.03 -1.24
N LYS C 25 -9.34 -0.38 -1.31
CA LYS C 25 -10.22 -0.32 -0.15
C LYS C 25 -10.80 -1.70 0.10
N LEU C 26 -10.55 -2.26 1.28
CA LEU C 26 -11.17 -3.50 1.72
C LEU C 26 -12.52 -3.17 2.32
N GLY C 27 -13.59 -3.57 1.65
CA GLY C 27 -14.93 -3.25 2.11
C GLY C 27 -15.19 -3.78 3.51
N GLY C 28 -16.02 -3.05 4.25
CA GLY C 28 -16.35 -3.47 5.60
C GLY C 28 -17.09 -4.79 5.65
N SER C 29 -17.92 -5.06 4.63
CA SER C 29 -18.66 -6.32 4.58
C SER C 29 -17.79 -7.50 4.23
N VAL C 30 -16.53 -7.27 3.82
CA VAL C 30 -15.63 -8.36 3.47
C VAL C 30 -14.76 -8.76 4.66
N ILE C 31 -14.16 -7.78 5.33
CA ILE C 31 -13.26 -8.06 6.45
C ILE C 31 -14.00 -8.31 7.75
N THR C 32 -15.28 -7.99 7.83
CA THR C 32 -16.08 -8.25 9.02
C THR C 32 -17.40 -8.89 8.61
N ASP C 33 -17.84 -9.88 9.38
CA ASP C 33 -19.15 -10.48 9.19
C ASP C 33 -20.18 -9.62 9.92
N LYS C 34 -21.04 -8.95 9.17
CA LYS C 34 -22.03 -8.05 9.74
C LYS C 34 -23.20 -8.78 10.40
N SER C 35 -23.03 -10.06 10.76
CA SER C 35 -24.01 -10.79 11.54
C SER C 35 -23.72 -10.74 13.04
N GLU C 36 -22.44 -10.74 13.42
CA GLU C 36 -22.01 -10.62 14.80
C GLU C 36 -21.44 -9.22 15.06
N TYR C 37 -21.29 -8.90 16.34
CA TYR C 37 -20.77 -7.59 16.72
C TYR C 37 -19.27 -7.51 16.52
N HIS C 38 -18.52 -8.48 17.05
CA HIS C 38 -17.08 -8.53 16.94
C HIS C 38 -16.68 -9.79 16.18
N LYS C 39 -16.94 -9.81 14.88
CA LYS C 39 -16.57 -10.92 14.00
C LYS C 39 -15.61 -10.40 12.94
N PHE C 40 -14.44 -11.03 12.85
CA PHE C 40 -13.38 -10.62 11.93
C PHE C 40 -13.01 -11.80 11.06
N ASN C 41 -13.27 -11.70 9.76
CA ASN C 41 -12.90 -12.75 8.82
C ASN C 41 -11.38 -12.80 8.70
N LYS C 42 -10.75 -13.63 9.53
CA LYS C 42 -9.29 -13.61 9.66
C LYS C 42 -8.62 -14.14 8.41
N GLU C 43 -8.98 -15.35 7.98
CA GLU C 43 -8.33 -15.95 6.81
C GLU C 43 -8.67 -15.20 5.53
N THR C 44 -9.88 -14.62 5.45
CA THR C 44 -10.22 -13.81 4.28
C THR C 44 -9.31 -12.60 4.16
N VAL C 45 -9.04 -11.93 5.27
CA VAL C 45 -8.09 -10.82 5.26
C VAL C 45 -6.68 -11.32 5.03
N SER C 46 -6.34 -12.49 5.61
CA SER C 46 -5.02 -13.08 5.36
C SER C 46 -4.86 -13.44 3.90
N ARG C 47 -5.89 -14.02 3.29
CA ARG C 47 -5.82 -14.37 1.87
C ARG C 47 -5.61 -13.12 1.02
N LEU C 48 -6.39 -12.08 1.27
CA LEU C 48 -6.27 -10.86 0.47
C LEU C 48 -4.92 -10.19 0.69
N ALA C 49 -4.41 -10.21 1.92
CA ALA C 49 -3.08 -9.68 2.19
C ALA C 49 -2.00 -10.47 1.47
N ASP C 50 -2.19 -11.79 1.35
CA ASP C 50 -1.24 -12.61 0.61
C ASP C 50 -1.30 -12.32 -0.88
N GLU C 51 -2.51 -12.17 -1.43
CA GLU C 51 -2.65 -11.82 -2.84
C GLU C 51 -2.04 -10.46 -3.13
N ILE C 52 -2.19 -9.51 -2.21
CA ILE C 52 -1.50 -8.23 -2.35
C ILE C 52 0.01 -8.44 -2.33
N ARG C 53 0.48 -9.36 -1.48
CA ARG C 53 1.91 -9.64 -1.40
C ARG C 53 2.40 -10.36 -2.66
N ARG C 54 1.71 -11.43 -3.06
CA ARG C 54 2.11 -12.21 -4.22
C ARG C 54 2.03 -11.41 -5.52
N SER C 55 1.26 -10.33 -5.55
CA SER C 55 1.18 -9.50 -6.74
C SER C 55 2.41 -8.62 -6.93
N GLY C 56 3.19 -8.40 -5.86
CA GLY C 56 4.38 -7.58 -5.96
C GLY C 56 4.14 -6.12 -6.25
N GLN C 57 2.91 -5.64 -6.10
CA GLN C 57 2.57 -4.28 -6.45
C GLN C 57 2.70 -3.33 -5.27
N ASP C 58 2.94 -2.06 -5.57
CA ASP C 58 2.96 -1.01 -4.56
C ASP C 58 1.53 -0.62 -4.22
N VAL C 59 1.14 -0.81 -2.97
CA VAL C 59 -0.26 -0.69 -2.56
C VAL C 59 -0.38 0.21 -1.35
N MET C 60 -1.49 0.95 -1.28
CA MET C 60 -1.92 1.66 -0.09
C MET C 60 -3.37 1.26 0.19
N VAL C 61 -3.67 0.87 1.43
CA VAL C 61 -4.93 0.21 1.76
C VAL C 61 -5.73 1.05 2.73
N VAL C 62 -7.01 1.27 2.40
CA VAL C 62 -8.03 1.72 3.34
C VAL C 62 -8.94 0.53 3.60
N HIS C 63 -9.60 0.52 4.75
CA HIS C 63 -10.56 -0.54 5.02
C HIS C 63 -11.80 0.04 5.69
N GLY C 64 -12.92 -0.65 5.52
CA GLY C 64 -14.16 -0.22 6.15
C GLY C 64 -14.21 -0.60 7.62
N ALA C 65 -15.11 0.08 8.34
CA ALA C 65 -15.32 -0.25 9.74
C ALA C 65 -16.17 -1.50 9.91
N GLY C 66 -17.03 -1.80 8.94
CA GLY C 66 -17.87 -2.98 9.03
C GLY C 66 -18.72 -2.98 10.28
N SER C 67 -18.87 -4.16 10.87
CA SER C 67 -19.68 -4.33 12.07
C SER C 67 -18.99 -3.79 13.33
N PHE C 68 -17.76 -3.31 13.23
CA PHE C 68 -17.02 -2.81 14.38
C PHE C 68 -17.44 -1.36 14.65
N GLY C 69 -18.56 -1.24 15.36
CA GLY C 69 -19.10 0.06 15.74
C GLY C 69 -20.31 0.50 14.94
N HIS C 70 -20.66 -0.22 13.88
CA HIS C 70 -21.82 0.17 13.08
C HIS C 70 -23.11 0.01 13.88
N VAL C 71 -23.18 -0.96 14.78
CA VAL C 71 -24.37 -1.16 15.59
C VAL C 71 -24.55 0.01 16.56
N ILE C 72 -23.46 0.49 17.15
CA ILE C 72 -23.54 1.59 18.10
C ILE C 72 -23.69 2.92 17.39
N ALA C 73 -23.07 3.08 16.21
CA ALA C 73 -23.19 4.33 15.48
C ALA C 73 -24.63 4.60 15.06
N LYS C 74 -25.36 3.55 14.69
CA LYS C 74 -26.76 3.73 14.32
C LYS C 74 -27.66 3.83 15.54
N LYS C 75 -27.30 3.16 16.64
CA LYS C 75 -28.11 3.23 17.85
C LYS C 75 -28.12 4.63 18.44
N TYR C 76 -26.96 5.28 18.46
CA TYR C 76 -26.83 6.62 19.02
C TYR C 76 -26.83 7.70 17.96
N ALA C 77 -27.07 7.34 16.70
CA ALA C 77 -27.14 8.29 15.59
C ALA C 77 -25.89 9.16 15.55
N ILE C 78 -24.73 8.52 15.60
CA ILE C 78 -23.47 9.24 15.70
C ILE C 78 -23.25 10.10 14.46
N GLN C 79 -23.62 9.58 13.29
CA GLN C 79 -23.42 10.31 12.04
C GLN C 79 -24.21 11.61 11.97
N ASP C 80 -25.22 11.77 12.82
CA ASP C 80 -26.03 12.98 12.81
C ASP C 80 -25.39 14.12 13.60
N GLY C 81 -24.38 13.84 14.42
CA GLY C 81 -23.66 14.88 15.14
C GLY C 81 -23.83 14.76 16.64
N HIS C 82 -23.21 15.70 17.34
CA HIS C 82 -23.25 15.73 18.80
C HIS C 82 -24.53 16.44 19.24
N VAL C 83 -25.47 15.69 19.81
CA VAL C 83 -26.71 16.27 20.28
C VAL C 83 -26.93 16.10 21.77
N ASP C 84 -26.23 15.18 22.44
CA ASP C 84 -26.36 15.05 23.88
C ASP C 84 -25.11 14.35 24.41
N ASP C 85 -24.89 14.49 25.71
CA ASP C 85 -23.70 13.93 26.35
C ASP C 85 -23.74 12.41 26.45
N GLY C 86 -24.89 11.78 26.17
CA GLY C 86 -24.93 10.32 26.13
C GLY C 86 -24.24 9.71 24.93
N GLN C 87 -23.87 10.53 23.94
CA GLN C 87 -23.18 10.04 22.75
C GLN C 87 -21.67 9.94 22.94
N ILE C 88 -21.13 10.58 23.96
CA ILE C 88 -19.68 10.63 24.18
C ILE C 88 -19.15 9.23 24.52
N PRO C 89 -19.71 8.51 25.50
CA PRO C 89 -19.19 7.15 25.76
C PRO C 89 -19.40 6.20 24.60
N ALA C 90 -20.48 6.37 23.82
CA ALA C 90 -20.71 5.51 22.67
C ALA C 90 -19.70 5.79 21.57
N ALA C 91 -19.42 7.07 21.33
CA ALA C 91 -18.41 7.44 20.33
C ALA C 91 -17.05 6.84 20.67
N ALA C 92 -16.62 6.97 21.92
CA ALA C 92 -15.33 6.39 22.32
C ALA C 92 -15.33 4.88 22.14
N ARG C 93 -16.46 4.24 22.44
CA ARG C 93 -16.56 2.79 22.23
C ARG C 93 -16.37 2.45 20.76
N ILE C 94 -16.98 3.23 19.87
CA ILE C 94 -16.82 3.00 18.44
C ILE C 94 -15.38 3.22 18.01
N MET C 95 -14.74 4.28 18.50
CA MET C 95 -13.37 4.55 18.10
C MET C 95 -12.41 3.49 18.63
N CYS C 96 -12.69 2.93 19.80
CA CYS C 96 -11.88 1.81 20.28
C CYS C 96 -12.09 0.56 19.42
N ASP C 97 -13.31 0.37 18.90
CA ASP C 97 -13.59 -0.80 18.07
C ASP C 97 -12.92 -0.70 16.71
N THR C 98 -12.94 0.49 16.09
CA THR C 98 -12.33 0.63 14.78
C THR C 98 -10.81 0.56 14.88
N ARG C 99 -10.24 1.12 15.94
CA ARG C 99 -8.80 1.04 16.14
C ARG C 99 -8.35 -0.40 16.41
N GLU C 100 -9.24 -1.21 16.98
CA GLU C 100 -8.92 -2.62 17.23
C GLU C 100 -9.06 -3.45 15.95
N LEU C 101 -10.07 -3.16 15.13
CA LEU C 101 -10.17 -3.81 13.84
C LEU C 101 -8.95 -3.48 12.98
N SER C 102 -8.56 -2.21 12.95
CA SER C 102 -7.42 -1.80 12.13
C SER C 102 -6.14 -2.51 12.54
N SER C 103 -5.94 -2.69 13.84
CA SER C 103 -4.76 -3.43 14.30
C SER C 103 -4.81 -4.88 13.81
N MET C 104 -5.99 -5.49 13.85
CA MET C 104 -6.13 -6.84 13.31
C MET C 104 -5.90 -6.87 11.80
N VAL C 105 -6.24 -5.79 11.11
CA VAL C 105 -5.93 -5.70 9.68
C VAL C 105 -4.43 -5.54 9.48
N VAL C 106 -3.80 -4.70 10.29
CA VAL C 106 -2.35 -4.50 10.15
C VAL C 106 -1.60 -5.78 10.48
N GLU C 107 -2.11 -6.58 11.43
CA GLU C 107 -1.43 -7.82 11.78
C GLU C 107 -1.33 -8.75 10.57
N GLU C 108 -2.43 -8.94 9.85
CA GLU C 108 -2.41 -9.77 8.65
C GLU C 108 -1.48 -9.18 7.60
N LEU C 109 -1.42 -7.85 7.50
CA LEU C 109 -0.51 -7.21 6.55
C LEU C 109 0.95 -7.47 6.93
N LEU C 110 1.27 -7.32 8.22
CA LEU C 110 2.65 -7.52 8.65
C LEU C 110 3.09 -8.96 8.45
N ALA C 111 2.19 -9.92 8.72
CA ALA C 111 2.52 -11.34 8.59
C ALA C 111 2.85 -11.72 7.16
N GLN C 112 2.38 -10.96 6.18
CA GLN C 112 2.69 -11.18 4.77
C GLN C 112 3.81 -10.27 4.28
N GLY C 113 4.64 -9.75 5.17
CA GLY C 113 5.76 -8.94 4.76
C GLY C 113 5.43 -7.56 4.26
N ILE C 114 4.25 -7.03 4.63
CA ILE C 114 3.86 -5.68 4.21
C ILE C 114 3.89 -4.76 5.42
N PRO C 115 4.91 -3.91 5.56
CA PRO C 115 4.94 -2.95 6.68
C PRO C 115 3.79 -1.95 6.58
N ALA C 116 2.94 -1.95 7.60
CA ALA C 116 1.77 -1.09 7.63
C ALA C 116 1.55 -0.57 9.04
N VAL C 117 0.86 0.56 9.14
CA VAL C 117 0.53 1.19 10.42
C VAL C 117 -0.85 1.81 10.33
N SER C 118 -1.60 1.74 11.42
CA SER C 118 -2.93 2.31 11.45
C SER C 118 -2.85 3.82 11.62
N VAL C 119 -3.62 4.54 10.82
CA VAL C 119 -3.73 6.00 10.92
C VAL C 119 -5.21 6.29 11.10
N ALA C 120 -5.64 6.35 12.36
CA ALA C 120 -7.05 6.57 12.66
C ALA C 120 -7.43 8.01 12.34
N PRO C 121 -8.35 8.26 11.41
CA PRO C 121 -8.69 9.65 11.07
C PRO C 121 -9.24 10.43 12.25
N GLY C 122 -9.99 9.78 13.14
CA GLY C 122 -10.52 10.45 14.32
C GLY C 122 -9.46 10.91 15.31
N SER C 123 -8.24 10.38 15.20
CA SER C 123 -7.16 10.78 16.07
C SER C 123 -6.20 11.77 15.40
N CYS C 124 -6.26 11.90 14.08
CA CYS C 124 -5.30 12.71 13.33
C CYS C 124 -5.92 13.89 12.61
N PHE C 125 -7.19 13.83 12.24
CA PHE C 125 -7.77 14.83 11.35
C PHE C 125 -9.11 15.32 11.92
N VAL C 126 -9.70 16.28 11.21
CA VAL C 126 -11.02 16.81 11.53
C VAL C 126 -11.89 16.72 10.28
N MET C 127 -13.18 17.00 10.45
CA MET C 127 -14.14 16.93 9.37
C MET C 127 -14.88 18.25 9.26
N GLU C 128 -15.36 18.56 8.04
CA GLU C 128 -16.12 19.77 7.80
C GLU C 128 -16.99 19.59 6.55
N ASP C 129 -18.30 19.64 6.71
CA ASP C 129 -19.24 19.53 5.60
C ASP C 129 -19.06 18.21 4.85
N GLY C 130 -18.92 17.12 5.61
CA GLY C 130 -18.74 15.81 5.03
C GLY C 130 -17.38 15.53 4.43
N LYS C 131 -16.49 16.50 4.41
CA LYS C 131 -15.13 16.30 3.94
C LYS C 131 -14.21 15.99 5.11
N LEU C 132 -13.10 15.32 4.80
CA LEU C 132 -12.06 15.00 5.78
C LEU C 132 -10.91 15.98 5.57
N ILE C 133 -10.68 16.85 6.55
CA ILE C 133 -9.68 17.90 6.42
C ILE C 133 -8.35 17.34 6.90
N VAL C 134 -7.42 17.16 5.96
CA VAL C 134 -6.06 16.73 6.27
C VAL C 134 -5.14 17.93 6.15
N ASP C 135 -5.08 18.75 7.22
CA ASP C 135 -4.29 19.97 7.17
C ASP C 135 -2.80 19.67 7.21
N ASN C 136 -2.39 18.67 8.00
CA ASN C 136 -1.00 18.27 8.09
C ASN C 136 -0.80 17.02 7.25
N GLU C 137 -0.02 17.15 6.18
CA GLU C 137 0.22 16.05 5.25
C GLU C 137 1.51 15.30 5.54
N GLU C 138 2.46 15.92 6.24
CA GLU C 138 3.80 15.35 6.38
C GLU C 138 3.82 13.96 7.00
N PRO C 139 3.15 13.70 8.14
CA PRO C 139 3.31 12.38 8.77
C PRO C 139 2.86 11.23 7.89
N ILE C 140 1.76 11.40 7.16
CA ILE C 140 1.26 10.31 6.32
C ILE C 140 2.19 10.10 5.13
N ARG C 141 2.77 11.18 4.59
CA ARG C 141 3.70 11.04 3.48
C ARG C 141 5.02 10.44 3.92
N ARG C 142 5.49 10.81 5.11
CA ARG C 142 6.75 10.26 5.62
C ARG C 142 6.63 8.76 5.88
N LEU C 143 5.50 8.33 6.45
CA LEU C 143 5.28 6.91 6.63
C LEU C 143 5.31 6.17 5.30
N ALA C 144 4.62 6.72 4.30
CA ALA C 144 4.64 6.12 2.96
C ALA C 144 6.04 6.19 2.36
N ASP C 145 6.72 7.32 2.50
CA ASP C 145 8.09 7.47 2.00
C ASP C 145 9.08 6.55 2.72
N LEU C 146 8.76 6.10 3.93
CA LEU C 146 9.64 5.18 4.66
C LEU C 146 9.34 3.72 4.35
N GLY C 147 8.19 3.41 3.77
CA GLY C 147 7.79 2.03 3.53
C GLY C 147 6.78 1.49 4.51
N ILE C 148 6.42 2.27 5.52
CA ILE C 148 5.39 1.87 6.50
C ILE C 148 4.06 2.39 5.96
N MET C 149 3.26 1.49 5.42
CA MET C 149 2.04 1.88 4.71
C MET C 149 0.99 2.47 5.64
N PRO C 150 0.59 3.72 5.46
CA PRO C 150 -0.46 4.30 6.32
C PRO C 150 -1.82 3.73 5.96
N VAL C 151 -2.52 3.19 6.95
CA VAL C 151 -3.78 2.49 6.77
C VAL C 151 -4.87 3.31 7.46
N MET C 152 -5.62 4.08 6.68
CA MET C 152 -6.78 4.79 7.18
C MET C 152 -8.00 3.88 7.12
N PHE C 153 -9.08 4.30 7.77
CA PHE C 153 -10.28 3.48 7.86
C PHE C 153 -11.44 4.35 8.33
N GLY C 154 -12.64 3.80 8.23
CA GLY C 154 -13.82 4.53 8.67
C GLY C 154 -13.82 4.70 10.18
N ASP C 155 -14.18 5.91 10.62
CA ASP C 155 -13.95 6.29 12.01
C ASP C 155 -14.87 7.43 12.38
N VAL C 156 -14.97 7.67 13.68
CA VAL C 156 -15.64 8.86 14.20
C VAL C 156 -14.59 9.96 14.30
N VAL C 157 -14.85 11.08 13.64
CA VAL C 157 -13.86 12.15 13.52
C VAL C 157 -14.44 13.44 14.09
N PRO C 158 -13.67 14.21 14.86
CA PRO C 158 -14.16 15.51 15.32
C PRO C 158 -14.57 16.40 14.16
N ASP C 159 -15.76 16.97 14.26
CA ASP C 159 -16.36 17.75 13.19
C ASP C 159 -16.33 19.24 13.55
N ARG C 160 -15.90 20.07 12.61
CA ARG C 160 -15.78 21.50 12.85
C ARG C 160 -17.13 22.18 13.04
N LYS C 161 -18.24 21.49 12.83
CA LYS C 161 -19.56 22.11 12.93
C LYS C 161 -20.53 21.25 13.75
N LYS C 162 -20.39 19.93 13.66
CA LYS C 162 -21.30 19.02 14.34
C LYS C 162 -20.72 18.43 15.62
N GLY C 163 -19.52 18.83 16.01
CA GLY C 163 -18.87 18.20 17.15
C GLY C 163 -18.06 16.99 16.72
N PHE C 164 -18.75 15.91 16.37
CA PHE C 164 -18.13 14.74 15.74
C PHE C 164 -18.94 14.34 14.52
N ALA C 165 -18.39 13.40 13.75
CA ALA C 165 -19.06 12.88 12.58
C ALA C 165 -18.39 11.56 12.20
N ILE C 166 -19.01 10.87 11.24
CA ILE C 166 -18.48 9.63 10.70
C ILE C 166 -17.77 9.94 9.39
N VAL C 167 -16.56 9.42 9.22
CA VAL C 167 -15.86 9.47 7.95
C VAL C 167 -16.03 8.13 7.26
N SER C 168 -16.47 8.18 6.01
CA SER C 168 -16.66 6.95 5.25
C SER C 168 -15.33 6.43 4.73
N GLY C 169 -15.29 5.13 4.44
CA GLY C 169 -14.14 4.57 3.77
C GLY C 169 -13.90 5.19 2.41
N ASP C 170 -14.98 5.52 1.69
CA ASP C 170 -14.82 6.13 0.36
C ASP C 170 -14.28 7.54 0.47
N GLN C 171 -14.69 8.29 1.50
CA GLN C 171 -14.13 9.63 1.71
C GLN C 171 -12.64 9.55 2.02
N CYS C 172 -12.23 8.54 2.79
CA CYS C 172 -10.80 8.28 2.98
C CYS C 172 -10.12 8.01 1.65
N MET C 173 -10.74 7.20 0.79
CA MET C 173 -10.17 6.93 -0.53
C MET C 173 -10.02 8.21 -1.34
N GLU C 174 -10.97 9.14 -1.20
CA GLU C 174 -10.94 10.37 -1.98
C GLU C 174 -9.70 11.20 -1.64
N VAL C 175 -9.48 11.49 -0.36
CA VAL C 175 -8.37 12.37 0.01
C VAL C 175 -7.02 11.72 -0.29
N LEU C 176 -6.93 10.39 -0.20
CA LEU C 176 -5.68 9.72 -0.52
C LEU C 176 -5.42 9.66 -2.02
N CYS C 177 -6.49 9.67 -2.83
CA CYS C 177 -6.33 9.69 -4.28
C CYS C 177 -5.68 10.98 -4.75
N ARG C 178 -6.16 12.13 -4.26
CA ARG C 178 -5.53 13.41 -4.59
C ARG C 178 -4.12 13.49 -4.05
N MET C 179 -3.90 12.92 -2.86
CA MET C 179 -2.65 13.12 -2.15
C MET C 179 -1.49 12.45 -2.86
N PHE C 180 -1.65 11.18 -3.24
CA PHE C 180 -0.55 10.42 -3.81
C PHE C 180 -0.68 10.14 -5.30
N ASP C 181 -1.82 10.47 -5.91
CA ASP C 181 -2.06 10.29 -7.34
C ASP C 181 -1.73 8.86 -7.76
N PRO C 182 -2.55 7.88 -7.37
CA PRO C 182 -2.25 6.49 -7.70
C PRO C 182 -2.44 6.21 -9.19
N GLU C 183 -1.80 5.13 -9.64
CA GLU C 183 -1.96 4.68 -11.02
C GLU C 183 -3.28 3.93 -11.21
N LYS C 184 -3.79 3.29 -10.16
CA LYS C 184 -4.98 2.46 -10.25
C LYS C 184 -5.69 2.48 -8.91
N VAL C 185 -7.02 2.38 -8.96
CA VAL C 185 -7.86 2.38 -7.76
C VAL C 185 -8.73 1.13 -7.80
N VAL C 186 -8.70 0.34 -6.72
CA VAL C 186 -9.45 -0.89 -6.63
C VAL C 186 -10.35 -0.83 -5.39
N PHE C 187 -11.62 -1.15 -5.57
CA PHE C 187 -12.58 -1.26 -4.49
C PHE C 187 -12.92 -2.73 -4.30
N VAL C 188 -12.49 -3.31 -3.18
CA VAL C 188 -12.64 -4.73 -2.94
C VAL C 188 -13.92 -4.96 -2.13
N SER C 189 -14.89 -5.61 -2.74
CA SER C 189 -16.17 -5.91 -2.10
C SER C 189 -16.40 -7.42 -2.09
N ASP C 190 -17.64 -7.80 -1.78
CA ASP C 190 -18.07 -9.19 -1.83
C ASP C 190 -19.05 -9.45 -2.97
N ILE C 191 -19.15 -8.51 -3.90
CA ILE C 191 -20.01 -8.66 -5.08
C ILE C 191 -19.11 -8.67 -6.31
N ASP C 192 -19.63 -9.26 -7.39
CA ASP C 192 -18.86 -9.27 -8.63
C ASP C 192 -18.68 -7.86 -9.19
N GLY C 193 -19.65 -6.99 -8.95
CA GLY C 193 -19.61 -5.62 -9.46
C GLY C 193 -21.00 -5.02 -9.44
N LEU C 194 -21.16 -3.93 -10.18
CA LEU C 194 -22.45 -3.29 -10.31
C LEU C 194 -23.34 -4.10 -11.25
N TYR C 195 -24.64 -4.15 -10.94
CA TYR C 195 -25.60 -4.95 -11.69
C TYR C 195 -26.70 -4.04 -12.24
N THR C 196 -27.75 -4.67 -12.75
CA THR C 196 -28.89 -3.94 -13.31
C THR C 196 -30.16 -4.25 -12.53
N ARG C 206 -28.18 -7.99 -14.74
CA ARG C 206 -26.94 -8.45 -15.33
C ARG C 206 -25.77 -7.56 -14.93
N LEU C 207 -24.56 -8.13 -14.96
CA LEU C 207 -23.36 -7.40 -14.56
C LEU C 207 -23.04 -6.29 -15.56
N ILE C 208 -22.46 -5.21 -15.04
CA ILE C 208 -22.00 -4.08 -15.83
C ILE C 208 -20.47 -4.14 -15.88
N GLY C 209 -19.93 -4.27 -17.09
CA GLY C 209 -18.51 -4.45 -17.25
C GLY C 209 -17.70 -3.16 -17.33
N GLU C 210 -18.20 -2.18 -18.07
CA GLU C 210 -17.47 -0.94 -18.29
C GLU C 210 -18.33 0.25 -17.87
N VAL C 211 -17.67 1.29 -17.38
CA VAL C 211 -18.34 2.53 -16.98
C VAL C 211 -17.53 3.70 -17.53
N THR C 212 -18.17 4.56 -18.32
CA THR C 212 -17.56 5.77 -18.86
C THR C 212 -18.51 6.93 -18.69
N ARG C 213 -18.00 8.14 -18.88
CA ARG C 213 -18.88 9.31 -18.92
C ARG C 213 -19.84 9.22 -20.09
N LYS C 214 -19.33 8.79 -21.26
CA LYS C 214 -20.19 8.59 -22.42
C LYS C 214 -21.29 7.58 -22.13
N LYS C 215 -20.97 6.50 -21.40
CA LYS C 215 -22.00 5.51 -21.07
C LYS C 215 -23.01 6.09 -20.10
N LEU C 216 -22.56 6.92 -19.16
CA LEU C 216 -23.48 7.49 -18.18
C LEU C 216 -24.39 8.53 -18.82
N ASP C 217 -23.83 9.41 -19.66
CA ASP C 217 -24.64 10.41 -20.32
C ASP C 217 -25.71 9.80 -21.21
N GLU C 218 -25.44 8.61 -21.77
CA GLU C 218 -26.43 7.93 -22.61
C GLU C 218 -27.56 7.31 -21.81
N ALA C 219 -27.48 7.33 -20.48
CA ALA C 219 -28.57 6.84 -19.66
C ALA C 219 -29.69 7.87 -19.61
N LEU C 220 -30.92 7.43 -19.90
CA LEU C 220 -32.07 8.33 -19.95
C LEU C 220 -32.65 8.49 -18.55
N THR C 221 -32.02 9.38 -17.78
CA THR C 221 -32.51 9.69 -16.45
C THR C 221 -33.60 10.75 -16.53
N ASP C 222 -34.59 10.63 -15.65
CA ASP C 222 -35.69 11.60 -15.56
C ASP C 222 -35.85 12.01 -14.10
N ILE C 223 -35.56 13.28 -13.81
CA ILE C 223 -35.69 13.80 -12.45
C ILE C 223 -37.13 13.68 -11.96
N THR C 224 -38.10 13.86 -12.87
CA THR C 224 -39.51 13.87 -12.51
C THR C 224 -40.04 12.52 -12.06
N VAL C 225 -39.28 11.44 -12.24
CA VAL C 225 -39.72 10.10 -11.87
C VAL C 225 -38.65 9.44 -11.03
N ALA C 226 -39.05 8.39 -10.31
CA ALA C 226 -38.16 7.71 -9.39
C ALA C 226 -37.64 6.42 -10.00
N ASP C 227 -37.32 5.44 -9.15
CA ASP C 227 -36.83 4.12 -9.56
C ASP C 227 -35.51 4.20 -10.31
N VAL C 228 -34.39 4.12 -9.59
CA VAL C 228 -33.07 4.01 -10.20
C VAL C 228 -32.62 2.55 -10.29
N THR C 229 -33.30 1.64 -9.59
CA THR C 229 -33.05 0.20 -9.64
C THR C 229 -31.67 -0.13 -9.09
N GLY C 230 -31.62 -0.44 -7.80
CA GLY C 230 -30.36 -0.73 -7.13
C GLY C 230 -29.49 0.48 -6.85
N GLY C 231 -29.91 1.67 -7.28
CA GLY C 231 -29.10 2.86 -7.12
C GLY C 231 -27.78 2.81 -7.85
N VAL C 232 -27.73 2.07 -8.95
CA VAL C 232 -26.46 1.83 -9.62
C VAL C 232 -25.89 3.13 -10.19
N HIS C 233 -26.77 4.02 -10.67
CA HIS C 233 -26.31 5.21 -11.39
C HIS C 233 -25.42 6.09 -10.53
N SER C 234 -25.79 6.30 -9.27
CA SER C 234 -24.95 7.10 -8.38
C SER C 234 -23.64 6.40 -8.07
N LYS C 235 -23.63 5.07 -8.08
CA LYS C 235 -22.39 4.34 -7.82
C LYS C 235 -21.43 4.44 -8.99
N MET C 236 -21.94 4.41 -10.22
CA MET C 236 -21.07 4.60 -11.37
C MET C 236 -20.46 6.00 -11.38
N GLU C 237 -21.23 7.00 -10.95
CA GLU C 237 -20.69 8.35 -10.82
C GLU C 237 -19.58 8.39 -9.77
N ALA C 238 -19.78 7.71 -8.63
CA ALA C 238 -18.75 7.70 -7.59
C ALA C 238 -17.45 7.12 -8.11
N MET C 239 -17.52 6.04 -8.89
CA MET C 239 -16.30 5.44 -9.43
C MET C 239 -15.63 6.34 -10.46
N LEU C 240 -16.42 7.08 -11.25
CA LEU C 240 -15.84 7.92 -12.29
C LEU C 240 -15.01 9.07 -11.70
N ARG C 241 -15.39 9.56 -10.52
CA ARG C 241 -14.70 10.71 -9.93
C ARG C 241 -13.26 10.38 -9.58
N MET C 242 -12.94 9.11 -9.33
CA MET C 242 -11.60 8.70 -8.97
C MET C 242 -10.76 8.29 -10.16
N THR C 243 -11.20 8.64 -11.38
CA THR C 243 -10.47 8.32 -12.60
C THR C 243 -10.07 9.60 -13.31
N ASP C 244 -9.04 9.48 -14.15
CA ASP C 244 -8.65 10.57 -15.03
C ASP C 244 -8.42 10.04 -16.45
N ARG C 245 -7.54 10.69 -17.20
CA ARG C 245 -7.27 10.28 -18.58
C ARG C 245 -6.50 8.96 -18.67
N ASN C 246 -6.11 8.36 -17.54
CA ASN C 246 -5.33 7.13 -17.58
C ASN C 246 -5.76 6.16 -16.48
N ARG C 247 -5.95 6.67 -15.26
CA ARG C 247 -6.25 5.81 -14.13
C ARG C 247 -7.67 5.26 -14.22
N ARG C 248 -7.81 3.96 -13.95
CA ARG C 248 -9.10 3.29 -13.91
C ARG C 248 -9.45 2.93 -12.47
N CYS C 249 -10.76 2.79 -12.20
CA CYS C 249 -11.27 2.47 -10.88
C CYS C 249 -12.11 1.20 -10.97
N TYR C 250 -11.68 0.15 -10.28
CA TYR C 250 -12.29 -1.17 -10.37
C TYR C 250 -13.13 -1.47 -9.14
N LEU C 251 -14.09 -2.38 -9.32
CA LEU C 251 -14.87 -2.95 -8.22
C LEU C 251 -14.84 -4.46 -8.38
N VAL C 252 -14.15 -5.15 -7.48
CA VAL C 252 -13.83 -6.57 -7.64
C VAL C 252 -14.28 -7.34 -6.42
N ASN C 253 -14.68 -8.60 -6.65
CA ASN C 253 -15.12 -9.49 -5.58
C ASN C 253 -13.89 -10.04 -4.84
N GLY C 254 -13.68 -9.58 -3.61
CA GLY C 254 -12.58 -10.07 -2.81
C GLY C 254 -12.78 -11.45 -2.22
N ASN C 255 -13.98 -12.01 -2.34
CA ASN C 255 -14.25 -13.37 -1.91
C ASN C 255 -13.89 -14.41 -2.96
N ALA C 256 -13.61 -14.00 -4.19
CA ALA C 256 -13.15 -14.92 -5.23
C ALA C 256 -11.64 -15.05 -5.17
N PRO C 257 -11.10 -16.23 -4.85
CA PRO C 257 -9.65 -16.32 -4.60
C PRO C 257 -8.83 -15.95 -5.82
N ASN C 258 -7.74 -15.23 -5.58
CA ASN C 258 -6.76 -14.76 -6.56
C ASN C 258 -7.32 -13.70 -7.52
N ARG C 259 -8.59 -13.32 -7.37
CA ARG C 259 -9.13 -12.29 -8.27
C ARG C 259 -8.45 -10.94 -8.03
N LEU C 260 -8.26 -10.56 -6.77
CA LEU C 260 -7.52 -9.34 -6.47
C LEU C 260 -6.06 -9.46 -6.91
N TYR C 261 -5.47 -10.64 -6.71
CA TYR C 261 -4.10 -10.86 -7.17
C TYR C 261 -4.01 -10.71 -8.69
N SER C 262 -4.90 -11.39 -9.42
CA SER C 262 -4.91 -11.26 -10.88
C SER C 262 -5.13 -9.82 -11.30
N LEU C 263 -6.09 -9.12 -10.68
CA LEU C 263 -6.36 -7.74 -11.05
C LEU C 263 -5.16 -6.85 -10.81
N LEU C 264 -4.49 -7.03 -9.66
CA LEU C 264 -3.34 -6.18 -9.34
C LEU C 264 -2.19 -6.38 -10.31
N LYS C 265 -2.06 -7.59 -10.86
CA LYS C 265 -1.01 -7.88 -11.82
C LYS C 265 -1.37 -7.49 -13.25
N GLY C 266 -2.49 -6.79 -13.44
CA GLY C 266 -2.90 -6.34 -14.76
C GLY C 266 -3.73 -7.33 -15.55
N GLU C 267 -3.98 -8.51 -15.02
CA GLU C 267 -4.78 -9.50 -15.74
C GLU C 267 -6.24 -9.05 -15.83
N THR C 268 -6.96 -9.66 -16.77
CA THR C 268 -8.38 -9.37 -16.96
C THR C 268 -9.21 -10.38 -16.17
N VAL C 269 -10.12 -9.86 -15.34
CA VAL C 269 -10.98 -10.68 -14.50
C VAL C 269 -12.37 -10.06 -14.46
N THR C 270 -13.32 -10.82 -13.91
CA THR C 270 -14.68 -10.33 -13.75
C THR C 270 -14.68 -9.17 -12.76
N CYS C 271 -15.17 -8.01 -13.21
CA CYS C 271 -15.18 -6.80 -12.39
C CYS C 271 -15.99 -5.74 -13.12
N THR C 272 -16.11 -4.58 -12.47
CA THR C 272 -16.66 -3.37 -13.07
C THR C 272 -15.55 -2.33 -13.10
N VAL C 273 -15.10 -1.96 -14.29
CA VAL C 273 -14.02 -0.98 -14.45
C VAL C 273 -14.62 0.34 -14.91
N ALA C 274 -14.20 1.43 -14.27
CA ALA C 274 -14.56 2.78 -14.68
C ALA C 274 -13.33 3.47 -15.25
N LYS C 275 -13.54 4.30 -16.26
CA LYS C 275 -12.44 4.95 -16.97
C LYS C 275 -12.89 6.30 -17.51
N GLY C 276 -11.93 7.20 -17.67
CA GLY C 276 -12.21 8.54 -18.14
C GLY C 276 -11.19 9.06 -19.12
#